data_6HH4
#
_entry.id   6HH4
#
_cell.length_a   67.145
_cell.length_b   96.642
_cell.length_c   105.908
_cell.angle_alpha   90.00
_cell.angle_beta   90.00
_cell.angle_gamma   90.00
#
_symmetry.space_group_name_H-M   'P 21 21 21'
#
loop_
_entity.id
_entity.type
_entity.pdbx_description
1 polymer 'ADP-ribosylhydrolase like 2'
2 non-polymer 'MAGNESIUM ION'
3 non-polymer ADP-ribosyl-L-arginine
4 non-polymer GLYCEROL
5 non-polymer 'ACETATE ION'
6 water water
#
_entity_poly.entity_id   1
_entity_poly.type   'polypeptide(L)'
_entity_poly.pdbx_seq_one_letter_code
;GPMVSLAQVRGALCGALLGDCMGAEFEGSDAVELPDVLEFVRLLEKEKKAGTLFYTDDTAMTRAVIQSLIAKPDFDEVDM
AKRFAEEYKKEPTRGYGAGVVQVFKKLLSPKYSDVFQPAREQFDGKGSYGNGGAMRVASIALAYPNIQDVIKFARRSAQL
THASPLGYNGAILQALAVHFALQGELKRDTFLEQLIGEMERIEGGEMSASDAGEHDRPNEVKLPFCSRLKKIKEFLASSN
VPKADIVDELGHGIAALESVPTAIYSFLHCMESDPDIPDLYNNLQRTIIYSISLGGDTDTIATMAGAIAGAYYGMDQVTP
SWKRSCEAIVETEESAVKLYELYCKQLKTP
;
_entity_poly.pdbx_strand_id   A,B
#
# COMPACT_ATOMS: atom_id res chain seq x y z
N VAL A 4 13.52 34.39 -3.43
CA VAL A 4 12.56 33.22 -3.66
C VAL A 4 11.41 33.70 -4.55
N SER A 5 11.20 32.96 -5.64
CA SER A 5 10.20 33.29 -6.67
C SER A 5 8.89 32.51 -6.44
N LEU A 6 7.80 33.04 -7.00
CA LEU A 6 6.56 32.32 -7.09
C LEU A 6 6.78 30.94 -7.76
N ALA A 7 7.61 30.92 -8.82
CA ALA A 7 7.94 29.65 -9.55
C ALA A 7 8.42 28.58 -8.58
N GLN A 8 9.16 28.96 -7.56
CA GLN A 8 9.76 27.97 -6.64
C GLN A 8 8.73 27.42 -5.64
N VAL A 9 7.85 28.28 -5.12
CA VAL A 9 6.83 27.85 -4.21
C VAL A 9 5.84 26.95 -4.95
N ARG A 10 5.40 27.41 -6.12
CA ARG A 10 4.56 26.61 -6.98
C ARG A 10 5.18 25.26 -7.33
N GLY A 11 6.47 25.28 -7.68
CA GLY A 11 7.14 24.11 -8.05
C GLY A 11 7.18 23.10 -6.92
N ALA A 12 7.51 23.56 -5.70
CA ALA A 12 7.60 22.68 -4.56
C ALA A 12 6.27 21.97 -4.30
N LEU A 13 5.16 22.72 -4.22
CA LEU A 13 3.89 22.10 -3.91
C LEU A 13 3.43 21.15 -5.04
N CYS A 14 3.64 21.55 -6.30
CA CYS A 14 3.21 20.73 -7.43
C CYS A 14 4.10 19.48 -7.54
N GLY A 15 5.36 19.63 -7.18
CA GLY A 15 6.28 18.49 -7.16
C GLY A 15 5.88 17.49 -6.09
N ALA A 16 5.46 18.00 -4.92
CA ALA A 16 4.95 17.15 -3.84
C ALA A 16 3.69 16.43 -4.32
N LEU A 17 2.75 17.17 -4.94
CA LEU A 17 1.53 16.54 -5.42
C LEU A 17 1.82 15.43 -6.45
N LEU A 18 2.67 15.72 -7.43
CA LEU A 18 3.02 14.74 -8.44
C LEU A 18 3.65 13.51 -7.80
N GLY A 19 4.59 13.72 -6.88
CA GLY A 19 5.24 12.58 -6.28
C GLY A 19 4.29 11.66 -5.53
N ASP A 20 3.36 12.24 -4.77
CA ASP A 20 2.35 11.49 -4.08
C ASP A 20 1.42 10.76 -5.10
N CYS A 21 0.81 11.49 -6.05
CA CYS A 21 -0.14 10.94 -7.00
C CYS A 21 0.49 9.84 -7.87
N MET A 22 1.71 10.10 -8.36
CA MET A 22 2.42 9.16 -9.25
C MET A 22 2.98 7.99 -8.46
N GLY A 23 3.51 8.23 -7.25
CA GLY A 23 4.09 7.20 -6.42
C GLY A 23 3.04 6.28 -5.77
N ALA A 24 1.78 6.72 -5.69
CA ALA A 24 0.76 6.04 -4.88
C ALA A 24 0.54 4.60 -5.38
N GLU A 25 0.45 4.41 -6.70
CA GLU A 25 0.07 3.10 -7.20
C GLU A 25 1.20 2.08 -6.98
N PHE A 26 2.44 2.49 -6.69
CA PHE A 26 3.52 1.56 -6.47
C PHE A 26 3.87 1.33 -4.99
N GLU A 27 3.19 2.00 -4.04
CA GLU A 27 3.66 2.06 -2.64
C GLU A 27 3.55 0.67 -2.03
N GLY A 28 4.64 0.25 -1.36
CA GLY A 28 4.71 -1.02 -0.71
C GLY A 28 5.03 -2.13 -1.70
N SER A 29 5.16 -1.80 -2.99
CA SER A 29 5.41 -2.81 -4.02
C SER A 29 6.80 -3.40 -3.83
N ASP A 30 6.86 -4.73 -3.82
CA ASP A 30 8.11 -5.50 -3.84
C ASP A 30 8.62 -5.61 -5.29
N ALA A 31 7.70 -5.51 -6.25
CA ALA A 31 7.95 -5.89 -7.66
C ALA A 31 8.32 -4.68 -8.55
N VAL A 32 8.07 -3.45 -8.10
CA VAL A 32 8.28 -2.27 -8.94
C VAL A 32 9.78 -2.11 -9.28
N GLU A 33 9.99 -1.88 -10.59
CA GLU A 33 11.25 -1.57 -11.24
CA GLU A 33 11.26 -1.49 -11.17
C GLU A 33 11.01 -0.42 -12.25
N LEU A 34 12.11 0.22 -12.67
CA LEU A 34 12.10 1.34 -13.60
C LEU A 34 11.25 1.09 -14.83
N PRO A 35 11.28 -0.07 -15.52
CA PRO A 35 10.41 -0.26 -16.67
C PRO A 35 8.92 -0.04 -16.39
N ASP A 36 8.46 -0.46 -15.20
CA ASP A 36 7.07 -0.24 -14.81
C ASP A 36 6.81 1.27 -14.75
N VAL A 37 7.75 2.04 -14.25
CA VAL A 37 7.55 3.49 -13.98
C VAL A 37 7.53 4.24 -15.32
N LEU A 38 8.47 3.90 -16.20
CA LEU A 38 8.54 4.51 -17.55
C LEU A 38 7.30 4.19 -18.36
N GLU A 39 6.77 2.97 -18.25
CA GLU A 39 5.53 2.62 -18.93
C GLU A 39 4.39 3.46 -18.35
N PHE A 40 4.33 3.52 -17.01
CA PHE A 40 3.31 4.30 -16.31
C PHE A 40 3.31 5.74 -16.81
N VAL A 41 4.49 6.37 -16.87
CA VAL A 41 4.59 7.75 -17.30
C VAL A 41 4.10 7.94 -18.75
N ARG A 42 4.52 7.07 -19.67
CA ARG A 42 4.16 7.29 -21.08
C ARG A 42 2.65 7.08 -21.26
N LEU A 43 2.04 6.19 -20.46
CA LEU A 43 0.57 5.99 -20.51
C LEU A 43 -0.15 7.22 -19.95
N LEU A 44 0.38 7.75 -18.85
CA LEU A 44 -0.19 8.90 -18.17
C LEU A 44 -0.21 10.14 -19.08
N GLU A 45 0.87 10.34 -19.83
CA GLU A 45 0.98 11.52 -20.70
C GLU A 45 -0.06 11.50 -21.83
N LYS A 46 -0.54 10.33 -22.22
CA LYS A 46 -1.54 10.17 -23.33
C LYS A 46 -2.97 10.06 -22.80
N GLU A 47 -3.17 10.11 -21.49
CA GLU A 47 -4.49 9.97 -20.90
C GLU A 47 -5.32 11.19 -21.35
N LYS A 48 -6.50 10.98 -21.96
CA LYS A 48 -7.33 12.08 -22.47
C LYS A 48 -7.95 12.89 -21.31
N LYS A 49 -8.47 12.20 -20.30
CA LYS A 49 -9.14 12.80 -19.16
CA LYS A 49 -9.13 12.85 -19.19
C LYS A 49 -8.06 13.32 -18.18
N ALA A 50 -8.26 14.52 -17.64
CA ALA A 50 -7.46 15.07 -16.58
C ALA A 50 -7.86 14.44 -15.23
N GLY A 51 -6.99 14.56 -14.23
CA GLY A 51 -7.34 14.24 -12.86
C GLY A 51 -7.52 12.77 -12.57
N THR A 52 -6.86 11.87 -13.32
CA THR A 52 -7.06 10.45 -13.10
C THR A 52 -6.25 9.89 -11.93
N LEU A 53 -5.26 10.62 -11.42
CA LEU A 53 -4.50 10.15 -10.30
C LEU A 53 -4.99 10.88 -9.02
N PHE A 54 -5.48 10.09 -8.06
CA PHE A 54 -5.95 10.61 -6.77
C PHE A 54 -4.78 10.73 -5.78
N TYR A 55 -4.81 11.75 -4.92
CA TYR A 55 -3.75 11.91 -3.92
C TYR A 55 -4.04 11.06 -2.68
N THR A 56 -3.04 10.92 -1.80
CA THR A 56 -3.16 10.05 -0.64
C THR A 56 -3.05 10.90 0.64
N ASP A 57 -2.86 10.22 1.78
CA ASP A 57 -2.73 10.92 3.04
C ASP A 57 -1.59 11.94 3.01
N ASP A 58 -0.50 11.65 2.29
CA ASP A 58 0.65 12.56 2.17
C ASP A 58 0.17 13.98 1.79
N THR A 59 -0.68 14.07 0.75
CA THR A 59 -1.23 15.32 0.30
C THR A 59 -2.39 15.80 1.17
N ALA A 60 -3.25 14.88 1.66
CA ALA A 60 -4.34 15.29 2.54
C ALA A 60 -3.76 16.09 3.72
N MET A 61 -2.64 15.60 4.29
CA MET A 61 -2.09 16.24 5.49
C MET A 61 -1.34 17.53 5.10
N THR A 62 -0.70 17.51 3.92
CA THR A 62 -0.10 18.71 3.35
C THR A 62 -1.14 19.83 3.24
N ARG A 63 -2.31 19.51 2.68
CA ARG A 63 -3.33 20.55 2.50
C ARG A 63 -3.79 21.08 3.86
N ALA A 64 -3.89 20.23 4.89
CA ALA A 64 -4.26 20.67 6.22
C ALA A 64 -3.18 21.61 6.81
N VAL A 65 -1.91 21.24 6.67
CA VAL A 65 -0.81 22.14 7.09
C VAL A 65 -0.96 23.52 6.46
N ILE A 66 -1.19 23.55 5.14
CA ILE A 66 -1.27 24.79 4.41
C ILE A 66 -2.46 25.60 4.87
N GLN A 67 -3.63 24.96 5.04
CA GLN A 67 -4.76 25.74 5.44
CA GLN A 67 -4.86 25.60 5.53
C GLN A 67 -4.55 26.32 6.86
N SER A 68 -3.81 25.62 7.73
CA SER A 68 -3.46 26.15 9.07
C SER A 68 -2.52 27.37 8.98
N LEU A 69 -1.49 27.26 8.14
CA LEU A 69 -0.50 28.35 7.94
C LEU A 69 -1.19 29.60 7.39
N ILE A 70 -2.15 29.44 6.48
CA ILE A 70 -2.91 30.58 5.92
C ILE A 70 -3.84 31.18 6.98
N ALA A 71 -4.52 30.34 7.78
CA ALA A 71 -5.46 30.83 8.76
C ALA A 71 -4.72 31.47 9.93
N LYS A 72 -3.55 30.93 10.29
CA LYS A 72 -2.81 31.34 11.48
C LYS A 72 -1.32 31.43 11.14
N PRO A 73 -0.92 32.51 10.45
CA PRO A 73 0.43 32.59 9.88
C PRO A 73 1.53 32.69 10.95
N ASP A 74 1.18 32.99 12.20
CA ASP A 74 2.19 32.95 13.29
C ASP A 74 2.43 31.51 13.80
N PHE A 75 1.66 30.53 13.28
CA PHE A 75 1.78 29.10 13.58
C PHE A 75 0.98 28.77 14.85
N ASP A 76 -0.09 28.02 14.68
CA ASP A 76 -0.98 27.65 15.75
C ASP A 76 -1.15 26.12 15.70
N GLU A 77 -0.42 25.44 16.58
CA GLU A 77 -0.38 23.96 16.62
C GLU A 77 -1.75 23.40 17.00
N VAL A 78 -2.56 24.16 17.76
CA VAL A 78 -3.89 23.71 18.14
C VAL A 78 -4.82 23.72 16.93
N ASP A 79 -4.78 24.81 16.17
CA ASP A 79 -5.48 24.90 14.91
C ASP A 79 -5.04 23.75 13.95
N MET A 80 -3.74 23.53 13.85
CA MET A 80 -3.25 22.56 12.91
C MET A 80 -3.72 21.13 13.31
N ALA A 81 -3.60 20.80 14.60
CA ALA A 81 -4.02 19.52 15.12
C ALA A 81 -5.49 19.27 14.79
N LYS A 82 -6.30 20.30 14.95
CA LYS A 82 -7.71 20.18 14.69
CA LYS A 82 -7.73 20.20 14.68
C LYS A 82 -7.93 19.86 13.19
N ARG A 83 -7.20 20.54 12.30
CA ARG A 83 -7.36 20.32 10.88
C ARG A 83 -6.91 18.90 10.53
N PHE A 84 -5.86 18.38 11.17
CA PHE A 84 -5.41 17.02 10.93
C PHE A 84 -6.50 16.02 11.31
N ALA A 85 -7.06 16.19 12.51
CA ALA A 85 -8.06 15.25 13.02
C ALA A 85 -9.36 15.32 12.18
N GLU A 86 -9.80 16.51 11.79
CA GLU A 86 -11.02 16.69 11.04
C GLU A 86 -10.87 16.21 9.59
N GLU A 87 -9.68 16.39 9.00
CA GLU A 87 -9.40 15.87 7.65
C GLU A 87 -9.48 14.33 7.67
N TYR A 88 -8.88 13.72 8.70
CA TYR A 88 -8.95 12.28 8.92
C TYR A 88 -10.42 11.83 8.99
N LYS A 89 -11.20 12.50 9.83
CA LYS A 89 -12.59 12.16 10.02
C LYS A 89 -13.37 12.28 8.69
N LYS A 90 -13.06 13.29 7.88
CA LYS A 90 -13.82 13.55 6.67
C LYS A 90 -13.44 12.55 5.55
N GLU A 91 -12.16 12.16 5.46
CA GLU A 91 -11.68 11.28 4.39
C GLU A 91 -10.72 10.26 4.98
N PRO A 92 -11.25 9.28 5.75
CA PRO A 92 -10.38 8.34 6.48
C PRO A 92 -9.69 7.27 5.64
N THR A 93 -10.00 7.18 4.35
CA THR A 93 -9.45 6.11 3.50
C THR A 93 -8.29 6.60 2.63
N ARG A 94 -7.72 7.78 2.90
CA ARG A 94 -6.70 8.32 1.99
C ARG A 94 -5.39 7.51 2.08
N GLY A 95 -5.17 6.71 3.16
CA GLY A 95 -3.95 5.85 3.21
C GLY A 95 -3.05 6.09 4.42
N TYR A 96 -3.64 6.47 5.57
CA TYR A 96 -2.92 6.80 6.79
C TYR A 96 -2.26 5.59 7.43
N GLY A 97 -1.11 5.83 8.07
CA GLY A 97 -0.41 4.80 8.84
C GLY A 97 -1.33 4.18 9.89
N ALA A 98 -1.13 2.89 10.18
CA ALA A 98 -1.95 2.15 11.11
C ALA A 98 -1.88 2.75 12.52
N GLY A 99 -0.70 3.30 12.90
CA GLY A 99 -0.52 3.90 14.23
C GLY A 99 -1.18 5.26 14.37
N VAL A 100 -0.95 6.14 13.40
CA VAL A 100 -1.30 7.54 13.51
C VAL A 100 -2.81 7.74 13.63
N VAL A 101 -3.62 6.83 13.09
CA VAL A 101 -5.06 6.90 13.22
C VAL A 101 -5.46 7.09 14.71
N GLN A 102 -4.78 6.41 15.63
CA GLN A 102 -5.11 6.50 17.08
C GLN A 102 -4.87 7.95 17.60
N VAL A 103 -3.86 8.64 17.07
CA VAL A 103 -3.62 10.05 17.42
C VAL A 103 -4.87 10.87 17.03
N PHE A 104 -5.36 10.68 15.79
CA PHE A 104 -6.50 11.45 15.33
C PHE A 104 -7.74 11.14 16.18
N LYS A 105 -7.94 9.87 16.50
CA LYS A 105 -9.09 9.49 17.31
C LYS A 105 -9.03 10.18 18.68
N LYS A 106 -7.86 10.17 19.29
CA LYS A 106 -7.68 10.82 20.60
C LYS A 106 -7.88 12.33 20.48
N LEU A 107 -7.40 12.96 19.40
CA LEU A 107 -7.59 14.40 19.21
C LEU A 107 -9.07 14.72 19.03
N LEU A 108 -9.83 13.84 18.38
CA LEU A 108 -11.28 14.06 18.12
C LEU A 108 -12.09 13.85 19.41
N SER A 109 -11.54 13.12 20.37
CA SER A 109 -12.23 12.80 21.64
C SER A 109 -12.18 14.01 22.57
N PRO A 110 -13.01 14.12 23.62
CA PRO A 110 -12.90 15.24 24.55
C PRO A 110 -11.78 15.13 25.62
N LYS A 111 -10.94 14.08 25.59
CA LYS A 111 -10.14 13.66 26.80
C LYS A 111 -8.78 14.36 26.91
N TYR A 112 -8.27 14.91 25.81
CA TYR A 112 -6.92 15.45 25.76
C TYR A 112 -7.03 16.98 25.64
N SER A 113 -6.41 17.71 26.58
CA SER A 113 -6.27 19.15 26.39
C SER A 113 -4.95 19.48 25.66
N ASP A 114 -3.91 18.67 25.88
CA ASP A 114 -2.59 18.91 25.36
C ASP A 114 -2.51 18.20 24.00
N VAL A 115 -2.52 18.98 22.91
CA VAL A 115 -2.61 18.40 21.57
C VAL A 115 -1.36 17.58 21.24
N PHE A 116 -0.27 17.69 22.01
CA PHE A 116 0.93 16.87 21.81
C PHE A 116 0.86 15.52 22.53
N GLN A 117 -0.09 15.34 23.45
CA GLN A 117 -0.05 14.20 24.38
C GLN A 117 -0.40 12.89 23.66
N PRO A 118 -1.40 12.84 22.74
CA PRO A 118 -1.64 11.59 21.98
C PRO A 118 -0.39 11.04 21.28
N ALA A 119 0.38 11.92 20.65
CA ALA A 119 1.59 11.50 19.96
C ALA A 119 2.59 10.89 20.96
N ARG A 120 2.69 11.47 22.16
CA ARG A 120 3.63 10.96 23.15
C ARG A 120 3.25 9.53 23.59
N GLU A 121 1.96 9.18 23.54
CA GLU A 121 1.48 7.89 24.01
C GLU A 121 1.67 6.76 22.98
N GLN A 122 1.98 7.12 21.73
CA GLN A 122 2.13 6.12 20.65
C GLN A 122 3.28 5.17 20.98
N PHE A 123 3.12 3.89 20.62
CA PHE A 123 4.18 2.87 20.66
C PHE A 123 4.80 2.85 22.07
N ASP A 124 3.92 2.66 23.05
CA ASP A 124 4.26 2.48 24.46
C ASP A 124 5.09 3.66 24.98
N GLY A 125 4.69 4.87 24.58
CA GLY A 125 5.31 6.09 25.06
C GLY A 125 6.62 6.43 24.35
N LYS A 126 7.01 5.69 23.32
CA LYS A 126 8.26 5.97 22.60
CA LYS A 126 8.27 5.97 22.61
C LYS A 126 7.99 6.94 21.45
N GLY A 127 6.74 7.00 20.98
CA GLY A 127 6.37 7.86 19.85
C GLY A 127 6.73 7.24 18.51
N SER A 128 6.07 7.74 17.44
CA SER A 128 6.28 7.23 16.10
C SER A 128 7.60 7.73 15.52
N TYR A 129 8.33 6.80 14.87
CA TYR A 129 9.48 7.16 14.04
C TYR A 129 9.15 7.09 12.54
N GLY A 130 7.86 7.02 12.21
CA GLY A 130 7.41 7.06 10.82
C GLY A 130 7.70 8.36 10.12
N ASN A 131 7.53 8.36 8.78
CA ASN A 131 7.86 9.51 7.96
C ASN A 131 6.65 10.44 7.75
N GLY A 132 5.55 10.21 8.46
CA GLY A 132 4.30 11.00 8.35
C GLY A 132 4.49 12.47 8.76
N GLY A 133 5.41 12.72 9.69
CA GLY A 133 5.74 14.11 10.00
C GLY A 133 6.46 14.82 8.87
N ALA A 134 7.35 14.09 8.17
CA ALA A 134 8.17 14.64 7.08
C ALA A 134 7.38 14.75 5.76
N MET A 135 6.40 13.85 5.55
CA MET A 135 5.73 13.80 4.27
C MET A 135 4.90 15.06 3.97
N ARG A 136 4.54 15.80 5.03
CA ARG A 136 3.63 16.94 4.97
C ARG A 136 4.31 18.27 5.31
N VAL A 137 5.61 18.26 5.59
CA VAL A 137 6.29 19.38 6.26
C VAL A 137 6.81 20.45 5.27
N ALA A 138 6.90 20.15 3.96
CA ALA A 138 7.55 21.07 3.00
C ALA A 138 7.04 22.52 3.15
N SER A 139 5.72 22.68 3.34
CA SER A 139 5.11 23.99 3.35
C SER A 139 5.66 24.88 4.47
N ILE A 140 6.19 24.28 5.54
CA ILE A 140 6.83 25.12 6.61
C ILE A 140 7.98 25.96 6.00
N ALA A 141 8.78 25.35 5.14
CA ALA A 141 9.91 26.02 4.49
C ALA A 141 9.45 27.00 3.43
N LEU A 142 8.24 26.82 2.91
CA LEU A 142 7.68 27.70 1.91
C LEU A 142 7.01 28.93 2.55
N ALA A 143 6.73 28.91 3.87
CA ALA A 143 6.01 29.98 4.51
C ALA A 143 6.92 30.86 5.38
N TYR A 144 8.07 30.32 5.83
CA TYR A 144 8.92 30.95 6.85
C TYR A 144 10.34 31.05 6.32
N PRO A 145 10.80 32.26 5.96
CA PRO A 145 12.16 32.42 5.41
C PRO A 145 13.30 32.14 6.40
N ASN A 146 13.07 32.45 7.67
CA ASN A 146 14.10 32.33 8.73
C ASN A 146 14.28 30.86 9.12
N ILE A 147 15.51 30.37 9.04
CA ILE A 147 15.79 28.98 9.29
C ILE A 147 15.41 28.55 10.71
N GLN A 148 15.57 29.45 11.69
CA GLN A 148 15.20 29.09 13.07
C GLN A 148 13.69 28.81 13.20
N ASP A 149 12.87 29.56 12.44
CA ASP A 149 11.43 29.30 12.37
C ASP A 149 11.16 27.97 11.68
N VAL A 150 11.89 27.71 10.58
CA VAL A 150 11.67 26.50 9.83
C VAL A 150 11.88 25.32 10.78
N ILE A 151 12.99 25.37 11.51
CA ILE A 151 13.31 24.27 12.42
C ILE A 151 12.27 24.11 13.52
N LYS A 152 11.92 25.20 14.22
CA LYS A 152 11.05 25.05 15.41
C LYS A 152 9.64 24.67 14.96
N PHE A 153 9.21 25.19 13.83
CA PHE A 153 7.82 24.86 13.38
C PHE A 153 7.72 23.50 12.71
N ALA A 154 8.77 23.11 11.97
CA ALA A 154 8.82 21.75 11.44
C ALA A 154 8.71 20.77 12.62
N ARG A 155 9.50 20.99 13.68
CA ARG A 155 9.50 20.10 14.82
C ARG A 155 8.11 20.01 15.45
N ARG A 156 7.50 21.18 15.72
CA ARG A 156 6.20 21.23 16.40
C ARG A 156 5.11 20.58 15.53
N SER A 157 5.11 20.88 14.24
CA SER A 157 4.10 20.34 13.34
C SER A 157 4.21 18.81 13.34
N ALA A 158 5.45 18.30 13.37
CA ALA A 158 5.67 16.83 13.33
C ALA A 158 5.24 16.20 14.64
N GLN A 159 5.55 16.87 15.76
CA GLN A 159 5.30 16.30 17.09
C GLN A 159 3.80 16.16 17.38
N LEU A 160 2.93 16.76 16.58
CA LEU A 160 1.49 16.53 16.73
C LEU A 160 1.14 15.06 16.46
N THR A 161 2.00 14.33 15.73
CA THR A 161 1.77 12.89 15.43
C THR A 161 3.00 12.03 15.76
N HIS A 162 4.20 12.63 15.75
CA HIS A 162 5.49 11.92 15.80
C HIS A 162 6.34 12.46 16.94
N ALA A 163 6.32 11.73 18.07
CA ALA A 163 6.99 12.17 19.33
C ALA A 163 8.41 11.62 19.46
N SER A 164 8.77 10.64 18.62
CA SER A 164 10.12 10.11 18.68
C SER A 164 11.05 11.11 18.00
N PRO A 165 12.27 11.38 18.53
CA PRO A 165 13.24 12.22 17.82
C PRO A 165 13.48 11.75 16.37
N LEU A 166 13.43 10.45 16.10
CA LEU A 166 13.67 9.99 14.74
C LEU A 166 12.56 10.53 13.83
N GLY A 167 11.32 10.56 14.33
CA GLY A 167 10.17 11.08 13.62
C GLY A 167 10.27 12.57 13.37
N TYR A 168 10.56 13.34 14.42
CA TYR A 168 10.47 14.77 14.27
C TYR A 168 11.77 15.34 13.70
N ASN A 169 12.94 14.71 13.99
CA ASN A 169 14.17 15.15 13.36
C ASN A 169 14.14 14.84 11.86
N GLY A 170 13.47 13.76 11.46
CA GLY A 170 13.23 13.49 10.04
C GLY A 170 12.41 14.58 9.37
N ALA A 171 11.41 15.08 10.08
CA ALA A 171 10.60 16.19 9.59
C ALA A 171 11.43 17.46 9.50
N ILE A 172 12.28 17.71 10.49
CA ILE A 172 13.16 18.89 10.42
C ILE A 172 14.09 18.79 9.22
N LEU A 173 14.69 17.63 9.02
CA LEU A 173 15.61 17.39 7.90
C LEU A 173 14.94 17.67 6.54
N GLN A 174 13.72 17.16 6.37
CA GLN A 174 12.96 17.37 5.13
C GLN A 174 12.64 18.86 4.94
N ALA A 175 12.22 19.52 6.04
CA ALA A 175 11.96 20.97 5.96
C ALA A 175 13.23 21.75 5.59
N LEU A 176 14.37 21.38 6.17
CA LEU A 176 15.63 22.05 5.85
C LEU A 176 16.06 21.79 4.40
N ALA A 177 15.80 20.58 3.90
CA ALA A 177 16.17 20.28 2.48
C ALA A 177 15.35 21.19 1.54
N VAL A 178 14.05 21.38 1.83
CA VAL A 178 13.25 22.30 1.01
C VAL A 178 13.75 23.75 1.17
N HIS A 179 14.03 24.16 2.43
CA HIS A 179 14.57 25.48 2.72
C HIS A 179 15.84 25.79 1.89
N PHE A 180 16.82 24.89 1.93
CA PHE A 180 18.05 25.15 1.22
C PHE A 180 17.90 25.05 -0.31
N ALA A 181 16.94 24.26 -0.81
CA ALA A 181 16.69 24.17 -2.21
C ALA A 181 16.08 25.48 -2.71
N LEU A 182 15.38 26.18 -1.82
CA LEU A 182 14.77 27.47 -2.20
C LEU A 182 15.84 28.56 -2.41
N GLN A 183 17.05 28.40 -1.85
CA GLN A 183 18.12 29.45 -1.81
CA GLN A 183 18.10 29.46 -1.81
C GLN A 183 18.92 29.45 -3.11
N GLY A 184 18.35 30.08 -4.12
CA GLY A 184 18.99 30.11 -5.39
C GLY A 184 19.03 28.71 -5.91
N GLU A 185 20.13 28.41 -6.60
CA GLU A 185 20.42 27.09 -7.04
C GLU A 185 21.82 26.76 -6.51
N LEU A 186 21.88 26.33 -5.23
CA LEU A 186 23.12 25.90 -4.62
C LEU A 186 23.68 24.73 -5.43
N LYS A 187 25.00 24.69 -5.51
CA LYS A 187 25.77 23.53 -5.91
C LYS A 187 25.47 22.34 -5.00
N ARG A 188 25.45 21.14 -5.57
CA ARG A 188 25.26 19.90 -4.79
C ARG A 188 26.09 19.87 -3.48
N ASP A 189 27.38 20.18 -3.53
CA ASP A 189 28.21 20.01 -2.33
C ASP A 189 27.84 21.05 -1.25
N THR A 190 27.49 22.28 -1.68
CA THR A 190 27.08 23.33 -0.74
C THR A 190 25.77 22.92 -0.05
N PHE A 191 24.83 22.42 -0.86
CA PHE A 191 23.57 21.94 -0.33
C PHE A 191 23.77 20.90 0.79
N LEU A 192 24.60 19.89 0.57
CA LEU A 192 24.83 18.87 1.57
C LEU A 192 25.54 19.45 2.79
N GLU A 193 26.55 20.31 2.58
CA GLU A 193 27.25 20.92 3.66
C GLU A 193 26.28 21.71 4.55
N GLN A 194 25.33 22.43 3.92
CA GLN A 194 24.34 23.15 4.68
C GLN A 194 23.54 22.16 5.55
N LEU A 195 23.01 21.08 4.95
CA LEU A 195 22.21 20.10 5.69
C LEU A 195 23.02 19.43 6.81
N ILE A 196 24.24 19.03 6.52
CA ILE A 196 25.07 18.32 7.52
C ILE A 196 25.35 19.27 8.69
N GLY A 197 25.70 20.51 8.36
CA GLY A 197 25.98 21.51 9.38
C GLY A 197 24.80 21.64 10.35
N GLU A 198 23.58 21.78 9.80
CA GLU A 198 22.42 21.97 10.63
C GLU A 198 22.10 20.70 11.44
N MET A 199 22.19 19.52 10.82
CA MET A 199 21.74 18.30 11.51
C MET A 199 22.76 17.87 12.58
N GLU A 200 24.04 18.21 12.38
CA GLU A 200 25.04 17.96 13.43
C GLU A 200 24.67 18.74 14.70
N ARG A 201 24.21 19.99 14.52
CA ARG A 201 23.84 20.83 15.67
C ARG A 201 22.57 20.29 16.33
N ILE A 202 21.57 19.96 15.52
CA ILE A 202 20.27 19.50 16.02
C ILE A 202 20.35 18.13 16.70
N GLU A 203 21.04 17.17 16.07
CA GLU A 203 21.14 15.79 16.63
C GLU A 203 22.17 15.77 17.77
N GLY A 204 23.26 16.52 17.61
CA GLY A 204 24.20 16.80 18.70
C GLY A 204 23.60 17.79 19.69
N LEU A 223 23.98 10.09 16.12
CA LEU A 223 23.62 11.01 15.02
C LEU A 223 23.19 10.20 13.78
N PRO A 224 22.03 9.51 13.86
CA PRO A 224 21.54 8.70 12.74
C PRO A 224 21.36 9.49 11.44
N PHE A 225 20.78 10.69 11.47
CA PHE A 225 20.52 11.37 10.19
C PHE A 225 21.84 11.90 9.58
N CYS A 226 22.73 12.45 10.42
CA CYS A 226 24.05 12.87 9.90
C CYS A 226 24.77 11.70 9.25
N SER A 227 24.64 10.49 9.83
CA SER A 227 25.33 9.32 9.30
C SER A 227 24.86 9.07 7.87
N ARG A 228 23.54 9.11 7.68
CA ARG A 228 22.98 8.86 6.36
C ARG A 228 23.44 9.98 5.39
N LEU A 229 23.45 11.25 5.84
CA LEU A 229 23.91 12.36 4.96
C LEU A 229 25.38 12.14 4.54
N LYS A 230 26.21 11.63 5.45
CA LYS A 230 27.61 11.32 5.11
C LYS A 230 27.66 10.19 4.06
N LYS A 231 26.83 9.15 4.19
CA LYS A 231 26.76 8.06 3.21
CA LYS A 231 26.81 8.07 3.20
C LYS A 231 26.38 8.64 1.85
N ILE A 232 25.44 9.60 1.85
CA ILE A 232 24.97 10.27 0.63
C ILE A 232 26.15 10.97 -0.07
N LYS A 233 26.93 11.68 0.72
CA LYS A 233 28.14 12.33 0.19
C LYS A 233 29.04 11.28 -0.49
N GLU A 234 29.23 10.11 0.15
CA GLU A 234 30.04 9.02 -0.43
C GLU A 234 29.44 8.51 -1.74
N PHE A 235 28.12 8.27 -1.73
CA PHE A 235 27.44 7.76 -2.92
C PHE A 235 27.60 8.75 -4.07
N LEU A 236 27.38 10.04 -3.79
CA LEU A 236 27.46 11.07 -4.85
C LEU A 236 28.88 11.15 -5.43
N ALA A 237 29.91 10.77 -4.67
CA ALA A 237 31.31 10.72 -5.14
C ALA A 237 31.63 9.47 -5.97
N SER A 238 30.71 8.50 -6.00
CA SER A 238 30.85 7.27 -6.81
C SER A 238 30.08 7.43 -8.13
N SER A 239 30.24 6.45 -9.03
CA SER A 239 29.46 6.41 -10.27
C SER A 239 28.68 5.09 -10.38
N ASN A 240 27.52 5.15 -11.06
CA ASN A 240 26.70 3.95 -11.35
C ASN A 240 26.47 3.14 -10.07
N VAL A 241 26.01 3.83 -9.01
CA VAL A 241 25.65 3.17 -7.77
C VAL A 241 24.36 2.39 -8.04
N PRO A 242 24.33 1.06 -7.79
CA PRO A 242 23.11 0.29 -8.03
C PRO A 242 21.97 0.66 -7.06
N LYS A 243 20.72 0.55 -7.52
CA LYS A 243 19.52 0.68 -6.67
C LYS A 243 19.71 -0.11 -5.37
N ALA A 244 20.23 -1.34 -5.45
CA ALA A 244 20.29 -2.24 -4.28
C ALA A 244 21.17 -1.63 -3.18
N ASP A 245 22.23 -0.89 -3.54
CA ASP A 245 23.11 -0.26 -2.55
C ASP A 245 22.39 0.90 -1.88
N ILE A 246 21.64 1.67 -2.67
CA ILE A 246 20.86 2.78 -2.13
C ILE A 246 19.84 2.20 -1.14
N VAL A 247 19.10 1.17 -1.58
CA VAL A 247 18.06 0.63 -0.73
C VAL A 247 18.72 0.09 0.54
N ASP A 248 19.82 -0.65 0.38
CA ASP A 248 20.46 -1.37 1.50
C ASP A 248 21.00 -0.39 2.55
N GLU A 249 21.62 0.72 2.11
CA GLU A 249 22.32 1.64 3.01
C GLU A 249 21.45 2.83 3.46
N LEU A 250 20.60 3.34 2.58
CA LEU A 250 19.78 4.48 2.90
C LEU A 250 18.35 4.05 3.28
N GLY A 251 17.79 3.06 2.59
CA GLY A 251 16.44 2.56 2.89
C GLY A 251 15.43 3.04 1.87
N HIS A 252 14.26 2.41 1.91
CA HIS A 252 13.12 2.87 1.18
C HIS A 252 11.85 2.59 1.99
N GLY A 253 11.92 2.83 3.30
CA GLY A 253 10.86 2.35 4.21
C GLY A 253 9.95 3.47 4.74
N ILE A 254 9.01 3.05 5.56
CA ILE A 254 8.06 3.93 6.25
CA ILE A 254 8.05 3.96 6.23
C ILE A 254 8.73 4.74 7.37
N ALA A 255 9.84 4.25 7.92
CA ALA A 255 10.57 5.02 8.95
C ALA A 255 11.20 6.28 8.31
N ALA A 256 11.14 7.39 9.03
CA ALA A 256 11.77 8.59 8.56
C ALA A 256 13.28 8.39 8.27
N LEU A 257 13.97 7.63 9.12
CA LEU A 257 15.41 7.43 8.95
C LEU A 257 15.68 6.72 7.62
N GLU A 258 14.74 5.90 7.16
CA GLU A 258 14.88 5.06 5.95
C GLU A 258 14.15 5.66 4.73
N SER A 259 13.72 6.92 4.81
CA SER A 259 13.02 7.54 3.68
C SER A 259 13.46 8.98 3.44
N VAL A 260 13.64 9.78 4.49
CA VAL A 260 13.96 11.17 4.26
C VAL A 260 15.34 11.32 3.61
N PRO A 261 16.43 10.70 4.11
CA PRO A 261 17.72 10.75 3.41
C PRO A 261 17.64 10.21 1.98
N THR A 262 16.81 9.21 1.76
CA THR A 262 16.70 8.60 0.42
C THR A 262 16.08 9.62 -0.55
N ALA A 263 15.08 10.38 -0.08
CA ALA A 263 14.48 11.40 -0.92
C ALA A 263 15.50 12.47 -1.27
N ILE A 264 16.30 12.88 -0.28
CA ILE A 264 17.38 13.86 -0.48
C ILE A 264 18.36 13.32 -1.51
N TYR A 265 18.74 12.05 -1.38
CA TYR A 265 19.65 11.44 -2.32
C TYR A 265 19.07 11.49 -3.73
N SER A 266 17.81 11.12 -3.88
CA SER A 266 17.13 11.08 -5.18
CA SER A 266 17.12 11.08 -5.18
C SER A 266 17.24 12.46 -5.85
N PHE A 267 16.92 13.52 -5.10
CA PHE A 267 17.07 14.86 -5.58
C PHE A 267 18.51 15.16 -6.01
N LEU A 268 19.51 14.87 -5.16
CA LEU A 268 20.86 15.26 -5.50
C LEU A 268 21.40 14.46 -6.70
N HIS A 269 21.12 13.16 -6.74
CA HIS A 269 21.50 12.31 -7.86
C HIS A 269 20.94 12.86 -9.19
N CYS A 270 19.70 13.32 -9.18
CA CYS A 270 19.00 13.64 -10.40
C CYS A 270 19.24 15.07 -10.87
N MET A 271 20.15 15.78 -10.18
CA MET A 271 20.74 17.01 -10.67
C MET A 271 21.59 16.74 -11.93
N GLU A 272 22.05 15.49 -12.11
CA GLU A 272 22.76 15.04 -13.31
CA GLU A 272 22.75 15.05 -13.31
C GLU A 272 21.95 13.92 -13.97
N SER A 273 22.23 13.68 -15.26
CA SER A 273 21.67 12.60 -16.06
CA SER A 273 21.66 12.60 -16.06
C SER A 273 21.81 11.26 -15.33
N ASP A 274 20.77 10.43 -15.44
CA ASP A 274 20.82 9.06 -15.06
C ASP A 274 20.74 8.23 -16.34
N PRO A 275 21.69 7.31 -16.55
CA PRO A 275 21.74 6.58 -17.81
C PRO A 275 20.50 5.73 -18.14
N ASP A 276 19.71 5.37 -17.13
CA ASP A 276 18.53 4.52 -17.37
C ASP A 276 17.26 5.37 -17.64
N ILE A 277 17.32 6.66 -17.34
CA ILE A 277 16.12 7.52 -17.57
C ILE A 277 16.34 8.40 -18.80
N PRO A 278 15.48 8.31 -19.84
CA PRO A 278 15.65 9.12 -21.03
C PRO A 278 15.84 10.61 -20.68
N ASP A 279 16.71 11.26 -21.43
CA ASP A 279 17.05 12.63 -21.17
C ASP A 279 15.95 13.54 -21.76
N LEU A 280 14.87 12.98 -22.35
CA LEU A 280 13.74 13.86 -22.68
C LEU A 280 12.96 14.25 -21.42
N TYR A 281 13.15 13.55 -20.30
CA TYR A 281 12.65 13.97 -19.00
C TYR A 281 13.55 15.07 -18.40
N ASN A 282 12.91 16.11 -17.82
CA ASN A 282 13.68 17.19 -17.16
C ASN A 282 14.10 16.68 -15.78
N ASN A 283 14.84 17.51 -15.03
CA ASN A 283 15.39 17.07 -13.71
C ASN A 283 14.29 16.68 -12.73
N LEU A 284 13.21 17.48 -12.61
CA LEU A 284 12.18 17.17 -11.67
CA LEU A 284 12.16 17.18 -11.67
C LEU A 284 11.50 15.84 -12.05
N GLN A 285 11.23 15.66 -13.34
CA GLN A 285 10.59 14.42 -13.83
C GLN A 285 11.49 13.22 -13.49
N ARG A 286 12.76 13.37 -13.85
CA ARG A 286 13.81 12.39 -13.53
C ARG A 286 13.80 12.06 -12.03
N THR A 287 13.70 13.07 -11.15
CA THR A 287 13.72 12.86 -9.70
C THR A 287 12.53 11.98 -9.26
N ILE A 288 11.32 12.28 -9.78
CA ILE A 288 10.16 11.53 -9.41
C ILE A 288 10.25 10.09 -9.93
N ILE A 289 10.63 9.93 -11.21
CA ILE A 289 10.74 8.62 -11.81
C ILE A 289 11.77 7.79 -10.99
N TYR A 290 12.93 8.39 -10.71
CA TYR A 290 13.99 7.69 -10.02
C TYR A 290 13.50 7.29 -8.61
N SER A 291 12.89 8.23 -7.87
CA SER A 291 12.35 7.97 -6.52
C SER A 291 11.45 6.75 -6.54
N ILE A 292 10.47 6.76 -7.46
CA ILE A 292 9.50 5.68 -7.50
C ILE A 292 10.21 4.35 -7.82
N SER A 293 11.22 4.43 -8.71
CA SER A 293 11.93 3.22 -9.17
C SER A 293 12.64 2.55 -7.99
N LEU A 294 12.87 3.28 -6.91
CA LEU A 294 13.57 2.71 -5.74
C LEU A 294 12.66 1.78 -4.94
N GLY A 295 11.34 1.83 -5.18
CA GLY A 295 10.43 0.92 -4.53
C GLY A 295 10.19 1.30 -3.07
N GLY A 296 9.55 0.39 -2.34
CA GLY A 296 9.18 0.64 -0.94
C GLY A 296 8.09 1.69 -0.83
N ASP A 297 8.36 2.69 0.02
CA ASP A 297 7.42 3.74 0.32
C ASP A 297 7.51 4.81 -0.77
N THR A 298 6.95 4.49 -1.95
CA THR A 298 7.17 5.26 -3.15
C THR A 298 6.42 6.58 -3.16
N ASP A 299 5.17 6.61 -2.64
CA ASP A 299 4.45 7.87 -2.68
C ASP A 299 5.16 8.87 -1.74
N THR A 300 5.69 8.44 -0.62
CA THR A 300 6.25 9.38 0.38
C THR A 300 7.69 9.79 0.00
N ILE A 301 8.51 8.85 -0.49
CA ILE A 301 9.80 9.21 -0.95
C ILE A 301 9.66 10.15 -2.15
N ALA A 302 8.75 9.85 -3.11
CA ALA A 302 8.63 10.71 -4.25
C ALA A 302 8.00 12.06 -3.88
N THR A 303 7.06 12.08 -2.92
CA THR A 303 6.45 13.37 -2.53
C THR A 303 7.52 14.28 -1.87
N MET A 304 8.43 13.70 -1.11
CA MET A 304 9.48 14.45 -0.46
C MET A 304 10.53 14.91 -1.46
N ALA A 305 11.03 13.99 -2.32
CA ALA A 305 12.00 14.35 -3.36
C ALA A 305 11.42 15.35 -4.33
N GLY A 306 10.12 15.18 -4.65
CA GLY A 306 9.44 16.10 -5.52
C GLY A 306 9.29 17.50 -4.93
N ALA A 307 9.04 17.61 -3.62
CA ALA A 307 8.98 18.91 -2.99
C ALA A 307 10.35 19.64 -3.08
N ILE A 308 11.43 18.89 -2.84
CA ILE A 308 12.76 19.48 -2.87
C ILE A 308 13.12 19.89 -4.30
N ALA A 309 12.87 19.00 -5.28
CA ALA A 309 13.20 19.31 -6.67
C ALA A 309 12.38 20.49 -7.15
N GLY A 310 11.12 20.52 -6.73
CA GLY A 310 10.25 21.57 -7.17
C GLY A 310 10.71 22.93 -6.67
N ALA A 311 11.10 22.98 -5.41
CA ALA A 311 11.61 24.19 -4.81
C ALA A 311 12.88 24.64 -5.55
N TYR A 312 13.71 23.66 -5.95
CA TYR A 312 15.01 23.95 -6.57
C TYR A 312 14.83 24.44 -8.02
N TYR A 313 14.12 23.68 -8.85
CA TYR A 313 14.02 23.95 -10.32
C TYR A 313 12.86 24.88 -10.64
N GLY A 314 11.83 24.82 -9.78
CA GLY A 314 10.67 25.64 -9.98
C GLY A 314 9.64 25.04 -10.93
N MET A 315 8.54 25.78 -11.08
CA MET A 315 7.38 25.41 -11.82
C MET A 315 7.66 25.22 -13.31
N ASP A 316 8.70 25.85 -13.89
CA ASP A 316 9.08 25.59 -15.28
C ASP A 316 9.24 24.07 -15.58
N GLN A 317 9.61 23.27 -14.59
CA GLN A 317 9.84 21.84 -14.81
C GLN A 317 8.63 20.98 -14.44
N VAL A 318 7.52 21.61 -14.03
CA VAL A 318 6.26 20.91 -13.81
C VAL A 318 5.46 21.01 -15.10
N THR A 319 5.43 19.94 -15.89
CA THR A 319 4.91 20.08 -17.25
C THR A 319 3.38 19.97 -17.25
N PRO A 320 2.73 20.62 -18.22
CA PRO A 320 1.29 20.56 -18.33
C PRO A 320 0.74 19.12 -18.41
N SER A 321 1.40 18.21 -19.16
CA SER A 321 0.83 16.86 -19.29
C SER A 321 0.94 16.10 -17.96
N TRP A 322 1.97 16.40 -17.16
CA TRP A 322 2.09 15.73 -15.87
C TRP A 322 1.07 16.32 -14.88
N LYS A 323 1.06 17.64 -14.73
CA LYS A 323 0.31 18.19 -13.61
C LYS A 323 -1.21 18.01 -13.80
N ARG A 324 -1.67 17.97 -15.04
CA ARG A 324 -3.12 17.82 -15.29
C ARG A 324 -3.61 16.45 -14.80
N SER A 325 -2.70 15.51 -14.58
CA SER A 325 -3.06 14.16 -14.19
CA SER A 325 -3.03 14.14 -14.17
C SER A 325 -3.53 14.10 -12.72
N CYS A 326 -3.25 15.16 -11.95
CA CYS A 326 -3.37 15.12 -10.52
C CYS A 326 -4.68 15.71 -10.01
N GLU A 327 -5.36 14.94 -9.14
CA GLU A 327 -6.43 15.45 -8.34
C GLU A 327 -5.94 16.76 -7.65
N ALA A 328 -6.80 17.79 -7.66
CA ALA A 328 -6.59 19.02 -6.88
C ALA A 328 -5.35 19.84 -7.32
N ILE A 329 -4.89 19.67 -8.56
CA ILE A 329 -3.86 20.54 -9.12
C ILE A 329 -4.27 22.01 -9.04
N VAL A 330 -5.47 22.38 -9.45
CA VAL A 330 -5.84 23.83 -9.46
C VAL A 330 -5.82 24.40 -8.03
N GLU A 331 -6.39 23.66 -7.07
CA GLU A 331 -6.40 24.08 -5.68
C GLU A 331 -4.96 24.19 -5.15
N THR A 332 -4.09 23.26 -5.58
CA THR A 332 -2.75 23.24 -5.15
C THR A 332 -2.01 24.50 -5.66
N GLU A 333 -2.18 24.84 -6.92
CA GLU A 333 -1.57 26.02 -7.49
CA GLU A 333 -1.55 26.02 -7.46
C GLU A 333 -2.08 27.28 -6.76
N GLU A 334 -3.38 27.36 -6.50
CA GLU A 334 -3.94 28.47 -5.75
C GLU A 334 -3.30 28.58 -4.35
N SER A 335 -3.15 27.44 -3.64
CA SER A 335 -2.53 27.43 -2.30
CA SER A 335 -2.51 27.39 -2.32
C SER A 335 -1.05 27.87 -2.39
N ALA A 336 -0.36 27.52 -3.48
CA ALA A 336 1.05 27.96 -3.63
C ALA A 336 1.13 29.49 -3.72
N VAL A 337 0.17 30.13 -4.37
CA VAL A 337 0.18 31.56 -4.48
C VAL A 337 -0.04 32.16 -3.07
N LYS A 338 -0.94 31.54 -2.29
CA LYS A 338 -1.22 32.05 -0.96
C LYS A 338 0.01 31.86 -0.06
N LEU A 339 0.71 30.74 -0.18
CA LEU A 339 1.92 30.52 0.65
C LEU A 339 2.98 31.53 0.26
N TYR A 340 3.11 31.79 -1.05
CA TYR A 340 4.12 32.76 -1.50
C TYR A 340 3.87 34.13 -0.86
N GLU A 341 2.61 34.57 -0.83
CA GLU A 341 2.28 35.84 -0.24
C GLU A 341 2.64 35.85 1.28
N LEU A 342 2.42 34.72 1.97
CA LEU A 342 2.77 34.61 3.40
C LEU A 342 4.29 34.77 3.57
N TYR A 343 5.05 34.08 2.71
CA TYR A 343 6.50 34.12 2.73
C TYR A 343 6.95 35.56 2.51
N CYS A 344 6.36 36.24 1.52
CA CYS A 344 6.80 37.59 1.20
C CYS A 344 6.53 38.53 2.37
N LYS A 345 5.37 38.35 3.01
CA LYS A 345 4.96 39.16 4.16
C LYS A 345 5.98 39.01 5.31
N GLN A 346 6.46 37.77 5.53
CA GLN A 346 7.47 37.45 6.59
C GLN A 346 8.79 38.21 6.35
N LEU A 347 9.10 38.51 5.09
CA LEU A 347 10.25 39.34 4.78
C LEU A 347 9.88 40.78 5.16
N MET B 3 -21.87 -32.80 4.66
CA MET B 3 -22.51 -31.82 3.69
C MET B 3 -22.01 -30.41 4.00
N VAL B 4 -21.79 -29.63 2.95
CA VAL B 4 -21.34 -28.25 3.10
C VAL B 4 -22.50 -27.41 3.66
N SER B 5 -22.23 -26.66 4.71
CA SER B 5 -23.25 -25.85 5.43
C SER B 5 -23.20 -24.38 4.97
N LEU B 6 -24.31 -23.66 5.17
CA LEU B 6 -24.28 -22.24 5.00
C LEU B 6 -23.22 -21.60 5.90
N ALA B 7 -23.07 -22.10 7.14
CA ALA B 7 -22.00 -21.55 8.07
C ALA B 7 -20.61 -21.57 7.43
N GLN B 8 -20.32 -22.59 6.61
CA GLN B 8 -19.02 -22.70 5.96
C GLN B 8 -18.87 -21.70 4.81
N VAL B 9 -19.92 -21.52 3.99
CA VAL B 9 -19.84 -20.59 2.90
C VAL B 9 -19.73 -19.16 3.45
N ARG B 10 -20.57 -18.84 4.43
CA ARG B 10 -20.53 -17.58 5.09
C ARG B 10 -19.20 -17.36 5.79
N GLY B 11 -18.69 -18.37 6.49
CA GLY B 11 -17.40 -18.28 7.11
C GLY B 11 -16.29 -17.95 6.10
N ALA B 12 -16.28 -18.59 4.92
CA ALA B 12 -15.26 -18.34 3.94
C ALA B 12 -15.27 -16.85 3.52
N LEU B 13 -16.44 -16.33 3.15
CA LEU B 13 -16.55 -14.98 2.69
C LEU B 13 -16.18 -13.99 3.79
N CYS B 14 -16.63 -14.24 5.01
CA CYS B 14 -16.33 -13.32 6.16
C CYS B 14 -14.86 -13.41 6.55
N GLY B 15 -14.25 -14.60 6.41
CA GLY B 15 -12.86 -14.72 6.62
C GLY B 15 -12.05 -13.94 5.60
N ALA B 16 -12.47 -14.01 4.35
CA ALA B 16 -11.86 -13.21 3.26
C ALA B 16 -11.99 -11.72 3.56
N LEU B 17 -13.18 -11.29 3.99
CA LEU B 17 -13.39 -9.89 4.26
C LEU B 17 -12.52 -9.41 5.41
N LEU B 18 -12.51 -10.17 6.52
CA LEU B 18 -11.66 -9.83 7.66
C LEU B 18 -10.20 -9.73 7.25
N GLY B 19 -9.72 -10.73 6.50
CA GLY B 19 -8.34 -10.74 6.13
C GLY B 19 -7.95 -9.51 5.30
N ASP B 20 -8.80 -9.15 4.34
CA ASP B 20 -8.60 -7.94 3.52
C ASP B 20 -8.63 -6.68 4.42
N CYS B 21 -9.71 -6.45 5.17
CA CYS B 21 -9.91 -5.22 5.97
C CYS B 21 -8.81 -5.09 7.05
N MET B 22 -8.46 -6.19 7.71
CA MET B 22 -7.44 -6.14 8.79
C MET B 22 -6.03 -6.07 8.20
N GLY B 23 -5.77 -6.82 7.13
CA GLY B 23 -4.47 -6.85 6.47
C GLY B 23 -4.14 -5.54 5.73
N ALA B 24 -5.17 -4.76 5.37
CA ALA B 24 -5.00 -3.62 4.45
C ALA B 24 -4.10 -2.59 5.11
N GLU B 25 -4.24 -2.48 6.43
CA GLU B 25 -3.54 -1.51 7.26
C GLU B 25 -2.01 -1.65 7.16
N PHE B 26 -1.55 -2.88 6.97
CA PHE B 26 -0.16 -3.23 7.05
C PHE B 26 0.46 -3.51 5.66
N GLU B 27 -0.30 -3.36 4.58
CA GLU B 27 0.10 -3.90 3.25
C GLU B 27 1.33 -3.15 2.77
N GLY B 28 2.34 -3.89 2.33
CA GLY B 28 3.55 -3.32 1.82
C GLY B 28 4.52 -3.00 2.93
N SER B 29 4.12 -3.23 4.19
CA SER B 29 4.88 -2.74 5.33
C SER B 29 6.18 -3.55 5.45
N ASP B 30 7.27 -2.79 5.57
CA ASP B 30 8.60 -3.27 5.86
C ASP B 30 8.72 -3.48 7.39
N ALA B 31 7.91 -2.75 8.17
CA ALA B 31 8.09 -2.60 9.62
C ALA B 31 7.21 -3.59 10.43
N VAL B 32 6.14 -4.13 9.83
CA VAL B 32 5.14 -4.89 10.61
C VAL B 32 5.77 -6.18 11.18
N GLU B 33 5.52 -6.37 12.49
CA GLU B 33 5.79 -7.56 13.24
C GLU B 33 4.59 -7.86 14.17
N LEU B 34 4.58 -9.08 14.69
CA LEU B 34 3.47 -9.60 15.50
C LEU B 34 3.03 -8.63 16.59
N PRO B 35 3.89 -7.97 17.37
CA PRO B 35 3.37 -7.08 18.41
C PRO B 35 2.46 -5.96 17.87
N ASP B 36 2.79 -5.44 16.67
CA ASP B 36 1.96 -4.41 16.05
C ASP B 36 0.56 -5.00 15.78
N VAL B 37 0.51 -6.26 15.34
CA VAL B 37 -0.74 -6.88 14.91
C VAL B 37 -1.63 -7.15 16.14
N LEU B 38 -1.01 -7.66 17.20
CA LEU B 38 -1.74 -7.94 18.46
C LEU B 38 -2.27 -6.64 19.07
N GLU B 39 -1.49 -5.55 19.04
CA GLU B 39 -1.98 -4.26 19.53
C GLU B 39 -3.16 -3.80 18.68
N PHE B 40 -3.03 -3.92 17.35
CA PHE B 40 -4.07 -3.55 16.42
C PHE B 40 -5.37 -4.29 16.76
N VAL B 41 -5.28 -5.61 16.97
CA VAL B 41 -6.45 -6.41 17.27
C VAL B 41 -7.12 -5.94 18.57
N ARG B 42 -6.33 -5.70 19.63
CA ARG B 42 -6.92 -5.35 20.93
CA ARG B 42 -6.93 -5.37 20.92
C ARG B 42 -7.62 -4.00 20.80
N LEU B 43 -7.06 -3.07 20.00
CA LEU B 43 -7.70 -1.76 19.80
C LEU B 43 -9.00 -1.90 18.99
N LEU B 44 -8.97 -2.76 17.98
CA LEU B 44 -10.11 -3.00 17.11
C LEU B 44 -11.30 -3.59 17.88
N GLU B 45 -11.02 -4.49 18.82
CA GLU B 45 -12.08 -5.13 19.60
C GLU B 45 -12.81 -4.12 20.50
N LYS B 46 -12.15 -3.03 20.90
CA LYS B 46 -12.73 -2.02 21.79
C LYS B 46 -13.35 -0.84 21.01
N GLU B 47 -13.17 -0.79 19.70
CA GLU B 47 -13.61 0.35 18.93
C GLU B 47 -15.14 0.45 19.03
N LYS B 48 -15.66 1.63 19.39
CA LYS B 48 -17.09 1.82 19.60
C LYS B 48 -17.87 1.81 18.28
N LYS B 49 -17.34 2.52 17.27
CA LYS B 49 -17.99 2.66 15.96
CA LYS B 49 -18.04 2.63 15.99
C LYS B 49 -17.77 1.37 15.15
N ALA B 50 -18.83 0.89 14.51
CA ALA B 50 -18.76 -0.26 13.61
C ALA B 50 -18.22 0.21 12.24
N GLY B 51 -17.66 -0.71 11.47
CA GLY B 51 -17.36 -0.45 10.07
C GLY B 51 -16.19 0.52 9.85
N THR B 52 -15.25 0.61 10.81
CA THR B 52 -14.14 1.54 10.64
C THR B 52 -13.05 1.00 9.69
N LEU B 53 -13.05 -0.29 9.36
CA LEU B 53 -12.09 -0.82 8.46
C LEU B 53 -12.71 -0.97 7.06
N PHE B 54 -12.17 -0.25 6.08
CA PHE B 54 -12.66 -0.26 4.69
C PHE B 54 -11.97 -1.40 3.94
N TYR B 55 -12.68 -2.04 3.01
CA TYR B 55 -12.11 -3.12 2.24
C TYR B 55 -11.36 -2.54 1.03
N THR B 56 -10.59 -3.39 0.34
CA THR B 56 -9.75 -2.97 -0.74
C THR B 56 -10.19 -3.65 -2.03
N ASP B 57 -9.35 -3.57 -3.06
CA ASP B 57 -9.64 -4.18 -4.34
C ASP B 57 -9.86 -5.69 -4.16
N ASP B 58 -9.18 -6.35 -3.22
CA ASP B 58 -9.35 -7.79 -2.98
C ASP B 58 -10.83 -8.13 -2.79
N THR B 59 -11.53 -7.35 -1.95
CA THR B 59 -12.96 -7.55 -1.71
C THR B 59 -13.79 -6.95 -2.84
N ALA B 60 -13.39 -5.80 -3.37
CA ALA B 60 -14.15 -5.21 -4.49
C ALA B 60 -14.28 -6.24 -5.63
N MET B 61 -13.19 -6.94 -5.94
CA MET B 61 -13.23 -7.87 -7.06
C MET B 61 -13.97 -9.16 -6.68
N THR B 62 -13.86 -9.56 -5.42
CA THR B 62 -14.64 -10.66 -4.84
C THR B 62 -16.13 -10.39 -5.06
N ARG B 63 -16.59 -9.18 -4.69
CA ARG B 63 -17.98 -8.88 -4.80
C ARG B 63 -18.42 -8.92 -6.27
N ALA B 64 -17.57 -8.49 -7.19
CA ALA B 64 -17.89 -8.54 -8.60
C ALA B 64 -17.99 -10.01 -9.10
N VAL B 65 -17.05 -10.85 -8.72
CA VAL B 65 -17.14 -12.32 -9.00
C VAL B 65 -18.50 -12.87 -8.56
N ILE B 66 -18.87 -12.57 -7.31
CA ILE B 66 -20.07 -13.09 -6.75
C ILE B 66 -21.29 -12.57 -7.51
N GLN B 67 -21.34 -11.26 -7.82
CA GLN B 67 -22.42 -10.65 -8.59
CA GLN B 67 -22.53 -10.81 -8.49
C GLN B 67 -22.61 -11.41 -9.92
N SER B 68 -21.49 -11.73 -10.54
CA SER B 68 -21.52 -12.41 -11.87
C SER B 68 -22.10 -13.83 -11.72
N LEU B 69 -21.63 -14.57 -10.72
CA LEU B 69 -22.04 -15.95 -10.49
C LEU B 69 -23.54 -15.98 -10.19
N ILE B 70 -24.07 -15.00 -9.44
CA ILE B 70 -25.50 -14.97 -9.13
C ILE B 70 -26.33 -14.61 -10.36
N ALA B 71 -25.88 -13.63 -11.14
CA ALA B 71 -26.58 -13.26 -12.36
C ALA B 71 -26.48 -14.37 -13.42
N LYS B 72 -25.36 -15.07 -13.49
CA LYS B 72 -25.05 -16.05 -14.56
C LYS B 72 -24.41 -17.30 -13.95
N PRO B 73 -25.24 -18.15 -13.30
CA PRO B 73 -24.72 -19.26 -12.51
C PRO B 73 -24.01 -20.33 -13.34
N ASP B 74 -24.22 -20.34 -14.66
CA ASP B 74 -23.50 -21.29 -15.53
C ASP B 74 -22.08 -20.76 -15.86
N PHE B 75 -21.75 -19.53 -15.45
CA PHE B 75 -20.43 -18.88 -15.56
C PHE B 75 -20.35 -18.19 -16.91
N ASP B 76 -20.35 -16.85 -16.89
CA ASP B 76 -20.35 -16.05 -18.07
C ASP B 76 -19.19 -15.06 -17.94
N GLU B 77 -18.08 -15.39 -18.58
CA GLU B 77 -16.85 -14.62 -18.47
C GLU B 77 -17.01 -13.21 -19.07
N VAL B 78 -17.92 -13.03 -20.03
CA VAL B 78 -18.17 -11.71 -20.62
C VAL B 78 -18.86 -10.81 -19.58
N ASP B 79 -19.87 -11.37 -18.92
CA ASP B 79 -20.53 -10.69 -17.84
C ASP B 79 -19.53 -10.34 -16.73
N MET B 80 -18.69 -11.30 -16.35
CA MET B 80 -17.78 -11.07 -15.24
C MET B 80 -16.74 -9.97 -15.59
N ALA B 81 -16.23 -10.01 -16.82
CA ALA B 81 -15.26 -8.99 -17.27
C ALA B 81 -15.87 -7.60 -17.17
N LYS B 82 -17.13 -7.50 -17.59
CA LYS B 82 -17.83 -6.23 -17.58
CA LYS B 82 -17.84 -6.24 -17.58
C LYS B 82 -17.96 -5.73 -16.13
N ARG B 83 -18.28 -6.62 -15.20
CA ARG B 83 -18.45 -6.25 -13.82
C ARG B 83 -17.12 -5.80 -13.22
N PHE B 84 -16.01 -6.46 -13.62
CA PHE B 84 -14.69 -6.04 -13.14
C PHE B 84 -14.37 -4.62 -13.63
N ALA B 85 -14.63 -4.37 -14.90
CA ALA B 85 -14.26 -3.09 -15.49
C ALA B 85 -15.14 -1.97 -14.90
N GLU B 86 -16.44 -2.23 -14.73
CA GLU B 86 -17.39 -1.23 -14.22
C GLU B 86 -17.12 -0.95 -12.73
N GLU B 87 -16.75 -1.98 -11.95
CA GLU B 87 -16.42 -1.80 -10.53
C GLU B 87 -15.17 -0.91 -10.40
N TYR B 88 -14.15 -1.17 -11.22
CA TYR B 88 -12.96 -0.31 -11.30
C TYR B 88 -13.37 1.14 -11.62
N LYS B 89 -14.20 1.33 -12.63
CA LYS B 89 -14.60 2.65 -13.04
C LYS B 89 -15.36 3.38 -11.90
N LYS B 90 -16.17 2.65 -11.15
CA LYS B 90 -16.98 3.25 -10.11
C LYS B 90 -16.14 3.59 -8.87
N GLU B 91 -15.16 2.75 -8.53
CA GLU B 91 -14.38 2.90 -7.32
C GLU B 91 -12.92 2.62 -7.65
N PRO B 92 -12.25 3.54 -8.40
CA PRO B 92 -10.90 3.30 -8.87
C PRO B 92 -9.79 3.37 -7.81
N THR B 93 -10.10 3.84 -6.59
CA THR B 93 -9.06 4.03 -5.56
C THR B 93 -9.07 2.89 -4.52
N ARG B 94 -9.73 1.78 -4.77
CA ARG B 94 -9.80 0.68 -3.78
C ARG B 94 -8.42 0.01 -3.57
N GLY B 95 -7.47 0.15 -4.49
CA GLY B 95 -6.09 -0.40 -4.22
C GLY B 95 -5.56 -1.35 -5.29
N TYR B 96 -5.97 -1.19 -6.55
CA TYR B 96 -5.64 -2.12 -7.63
C TYR B 96 -4.16 -2.04 -8.01
N GLY B 97 -3.62 -3.18 -8.47
CA GLY B 97 -2.25 -3.22 -8.96
C GLY B 97 -2.05 -2.25 -10.12
N ALA B 98 -0.85 -1.69 -10.24
CA ALA B 98 -0.51 -0.68 -11.27
C ALA B 98 -0.76 -1.22 -12.67
N GLY B 99 -0.53 -2.52 -12.89
CA GLY B 99 -0.66 -3.13 -14.20
C GLY B 99 -2.12 -3.39 -14.56
N VAL B 100 -2.89 -3.99 -13.64
CA VAL B 100 -4.21 -4.50 -13.96
C VAL B 100 -5.17 -3.37 -14.37
N VAL B 101 -4.92 -2.14 -13.91
CA VAL B 101 -5.73 -0.98 -14.30
CA VAL B 101 -5.84 -1.08 -14.30
C VAL B 101 -5.85 -0.90 -15.84
N GLN B 102 -4.76 -1.25 -16.55
CA GLN B 102 -4.76 -1.14 -18.05
C GLN B 102 -5.75 -2.15 -18.64
N VAL B 103 -5.88 -3.31 -18.02
CA VAL B 103 -6.85 -4.30 -18.48
C VAL B 103 -8.25 -3.69 -18.38
N PHE B 104 -8.57 -3.07 -17.24
CA PHE B 104 -9.92 -2.50 -17.08
C PHE B 104 -10.16 -1.37 -18.07
N LYS B 105 -9.16 -0.52 -18.28
CA LYS B 105 -9.30 0.57 -19.25
C LYS B 105 -9.61 -0.01 -20.64
N LYS B 106 -8.87 -1.05 -21.05
CA LYS B 106 -9.08 -1.64 -22.34
C LYS B 106 -10.46 -2.30 -22.41
N LEU B 107 -10.90 -2.96 -21.33
CA LEU B 107 -12.23 -3.58 -21.35
C LEU B 107 -13.31 -2.50 -21.46
N LEU B 108 -13.10 -1.31 -20.87
CA LEU B 108 -14.13 -0.20 -20.92
C LEU B 108 -14.15 0.45 -22.31
N SER B 109 -13.08 0.31 -23.09
CA SER B 109 -12.95 0.93 -24.44
C SER B 109 -13.76 0.11 -25.43
N PRO B 110 -14.12 0.64 -26.61
CA PRO B 110 -14.84 -0.16 -27.60
C PRO B 110 -13.97 -1.09 -28.47
N LYS B 111 -12.66 -1.22 -28.20
CA LYS B 111 -11.68 -1.87 -29.15
C LYS B 111 -11.63 -3.40 -29.06
N TYR B 112 -12.02 -4.00 -27.93
CA TYR B 112 -11.74 -5.41 -27.68
C TYR B 112 -13.07 -6.18 -27.65
N SER B 113 -13.26 -7.14 -28.56
CA SER B 113 -14.42 -8.03 -28.46
C SER B 113 -14.07 -9.29 -27.64
N ASP B 114 -12.80 -9.68 -27.62
CA ASP B 114 -12.34 -10.84 -26.86
C ASP B 114 -11.94 -10.33 -25.47
N VAL B 115 -12.76 -10.65 -24.46
CA VAL B 115 -12.55 -10.12 -23.12
C VAL B 115 -11.26 -10.67 -22.50
N PHE B 116 -10.64 -11.71 -23.07
CA PHE B 116 -9.35 -12.23 -22.59
C PHE B 116 -8.14 -11.52 -23.20
N GLN B 117 -8.33 -10.74 -24.27
CA GLN B 117 -7.21 -10.20 -25.06
C GLN B 117 -6.44 -9.14 -24.26
N PRO B 118 -7.08 -8.20 -23.53
CA PRO B 118 -6.31 -7.24 -22.72
C PRO B 118 -5.31 -7.88 -21.75
N ALA B 119 -5.73 -8.96 -21.09
CA ALA B 119 -4.87 -9.62 -20.15
C ALA B 119 -3.68 -10.24 -20.88
N ARG B 120 -3.90 -10.76 -22.08
CA ARG B 120 -2.82 -11.35 -22.87
C ARG B 120 -1.74 -10.30 -23.22
N GLU B 121 -2.15 -9.03 -23.36
CA GLU B 121 -1.26 -7.95 -23.79
C GLU B 121 -0.37 -7.43 -22.65
N GLN B 122 -0.69 -7.76 -21.41
CA GLN B 122 0.04 -7.22 -20.23
C GLN B 122 1.50 -7.67 -20.30
N PHE B 123 2.41 -6.79 -19.87
CA PHE B 123 3.84 -7.16 -19.64
C PHE B 123 4.42 -7.79 -20.91
N ASP B 124 4.29 -7.05 -22.02
CA ASP B 124 4.84 -7.39 -23.32
C ASP B 124 4.35 -8.75 -23.80
N GLY B 125 3.08 -9.05 -23.57
CA GLY B 125 2.47 -10.29 -24.02
C GLY B 125 2.74 -11.48 -23.12
N LYS B 126 3.39 -11.30 -21.96
CA LYS B 126 3.71 -12.42 -21.08
CA LYS B 126 3.72 -12.40 -21.06
C LYS B 126 2.59 -12.61 -20.05
N GLY B 127 1.78 -11.56 -19.82
CA GLY B 127 0.68 -11.60 -18.88
C GLY B 127 1.13 -11.41 -17.44
N SER B 128 0.20 -11.07 -16.57
CA SER B 128 0.51 -10.80 -15.18
C SER B 128 0.69 -12.10 -14.39
N TYR B 129 1.72 -12.12 -13.55
CA TYR B 129 1.92 -13.18 -12.57
C TYR B 129 1.54 -12.74 -11.14
N GLY B 130 0.86 -11.58 -11.03
CA GLY B 130 0.32 -11.12 -9.74
C GLY B 130 -0.72 -12.04 -9.16
N ASN B 131 -1.03 -11.80 -7.86
CA ASN B 131 -1.98 -12.60 -7.11
C ASN B 131 -3.44 -12.08 -7.21
N GLY B 132 -3.69 -11.11 -8.07
CA GLY B 132 -5.07 -10.53 -8.24
C GLY B 132 -6.08 -11.55 -8.74
N GLY B 133 -5.64 -12.52 -9.55
CA GLY B 133 -6.56 -13.62 -9.91
C GLY B 133 -6.98 -14.46 -8.70
N ALA B 134 -5.99 -14.75 -7.83
CA ALA B 134 -6.19 -15.61 -6.64
C ALA B 134 -6.95 -14.90 -5.52
N MET B 135 -6.75 -13.58 -5.39
CA MET B 135 -7.31 -12.86 -4.23
C MET B 135 -8.84 -12.88 -4.21
N ARG B 136 -9.44 -13.11 -5.37
CA ARG B 136 -10.87 -12.97 -5.59
C ARG B 136 -11.54 -14.30 -5.95
N VAL B 137 -10.79 -15.40 -5.97
CA VAL B 137 -11.22 -16.66 -6.59
C VAL B 137 -12.00 -17.57 -5.62
N ALA B 138 -11.95 -17.35 -4.30
CA ALA B 138 -12.57 -18.26 -3.30
C ALA B 138 -14.02 -18.64 -3.68
N SER B 139 -14.82 -17.64 -4.12
CA SER B 139 -16.20 -17.86 -4.41
C SER B 139 -16.44 -18.92 -5.49
N ILE B 140 -15.48 -19.13 -6.40
CA ILE B 140 -15.64 -20.23 -7.40
C ILE B 140 -15.80 -21.59 -6.67
N ALA B 141 -15.02 -21.82 -5.62
CA ALA B 141 -15.06 -23.07 -4.86
C ALA B 141 -16.29 -23.14 -3.98
N LEU B 142 -16.88 -21.97 -3.67
CA LEU B 142 -18.09 -21.90 -2.86
C LEU B 142 -19.34 -22.08 -3.71
N ALA B 143 -19.24 -21.96 -5.04
CA ALA B 143 -20.40 -22.04 -5.91
C ALA B 143 -20.49 -23.37 -6.68
N TYR B 144 -19.34 -24.05 -6.86
CA TYR B 144 -19.24 -25.20 -7.75
C TYR B 144 -18.65 -26.37 -6.97
N PRO B 145 -19.45 -27.37 -6.59
CA PRO B 145 -18.95 -28.51 -5.82
C PRO B 145 -17.96 -29.42 -6.59
N ASN B 146 -18.12 -29.51 -7.92
CA ASN B 146 -17.33 -30.42 -8.78
C ASN B 146 -15.95 -29.81 -9.00
N ILE B 147 -14.91 -30.55 -8.64
CA ILE B 147 -13.56 -30.06 -8.76
C ILE B 147 -13.20 -29.65 -10.19
N GLN B 148 -13.72 -30.37 -11.18
CA GLN B 148 -13.45 -30.03 -12.60
C GLN B 148 -13.98 -28.61 -12.94
N ASP B 149 -15.16 -28.27 -12.40
CA ASP B 149 -15.70 -26.93 -12.56
C ASP B 149 -14.86 -25.89 -11.81
N VAL B 150 -14.44 -26.23 -10.59
CA VAL B 150 -13.63 -25.33 -9.81
C VAL B 150 -12.37 -24.99 -10.61
N ILE B 151 -11.70 -26.00 -11.14
CA ILE B 151 -10.48 -25.74 -11.89
C ILE B 151 -10.76 -24.89 -13.14
N LYS B 152 -11.74 -25.27 -13.96
CA LYS B 152 -11.91 -24.58 -15.26
C LYS B 152 -12.42 -23.14 -15.04
N PHE B 153 -13.23 -22.94 -14.03
CA PHE B 153 -13.75 -21.60 -13.78
C PHE B 153 -12.79 -20.72 -13.00
N ALA B 154 -12.03 -21.30 -12.09
CA ALA B 154 -10.97 -20.53 -11.43
C ALA B 154 -10.01 -20.01 -12.53
N ARG B 155 -9.61 -20.90 -13.43
CA ARG B 155 -8.68 -20.53 -14.49
C ARG B 155 -9.23 -19.38 -15.34
N ARG B 156 -10.48 -19.54 -15.82
CA ARG B 156 -11.08 -18.58 -16.74
C ARG B 156 -11.30 -17.23 -16.03
N SER B 157 -11.78 -17.26 -14.79
CA SER B 157 -12.02 -16.03 -14.06
C SER B 157 -10.69 -15.29 -13.88
N ALA B 158 -9.60 -16.03 -13.65
CA ALA B 158 -8.29 -15.43 -13.42
C ALA B 158 -7.78 -14.82 -14.74
N GLN B 159 -7.99 -15.54 -15.85
CA GLN B 159 -7.41 -15.15 -17.14
C GLN B 159 -8.04 -13.85 -17.66
N LEU B 160 -9.15 -13.38 -17.06
CA LEU B 160 -9.66 -12.08 -17.42
C LEU B 160 -8.67 -10.96 -17.11
N THR B 161 -7.73 -11.20 -16.18
CA THR B 161 -6.73 -10.17 -15.79
C THR B 161 -5.31 -10.73 -15.83
N HIS B 162 -5.17 -12.05 -15.69
CA HIS B 162 -3.87 -12.72 -15.42
C HIS B 162 -3.67 -13.83 -16.44
N ALA B 163 -2.89 -13.52 -17.48
CA ALA B 163 -2.71 -14.42 -18.65
C ALA B 163 -1.44 -15.27 -18.48
N SER B 164 -0.59 -14.95 -17.50
CA SER B 164 0.58 -15.78 -17.26
C SER B 164 0.12 -17.05 -16.55
N PRO B 165 0.64 -18.25 -16.89
CA PRO B 165 0.36 -19.45 -16.10
C PRO B 165 0.62 -19.28 -14.59
N LEU B 166 1.63 -18.48 -14.22
CA LEU B 166 1.90 -18.28 -12.82
C LEU B 166 0.70 -17.58 -12.16
N GLY B 167 0.11 -16.63 -12.87
CA GLY B 167 -1.06 -15.90 -12.39
C GLY B 167 -2.30 -16.79 -12.29
N TYR B 168 -2.62 -17.51 -13.35
CA TYR B 168 -3.87 -18.25 -13.33
C TYR B 168 -3.72 -19.58 -12.58
N ASN B 169 -2.53 -20.23 -12.62
CA ASN B 169 -2.35 -21.44 -11.82
C ASN B 169 -2.37 -21.10 -10.32
N GLY B 170 -1.91 -19.91 -9.93
CA GLY B 170 -2.06 -19.42 -8.58
C GLY B 170 -3.51 -19.30 -8.14
N ALA B 171 -4.34 -18.80 -9.04
CA ALA B 171 -5.76 -18.72 -8.80
C ALA B 171 -6.37 -20.13 -8.69
N ILE B 172 -5.92 -21.05 -9.54
CA ILE B 172 -6.49 -22.41 -9.44
C ILE B 172 -6.13 -23.00 -8.07
N LEU B 173 -4.85 -22.83 -7.66
CA LEU B 173 -4.38 -23.38 -6.41
C LEU B 173 -5.18 -22.85 -5.21
N GLN B 174 -5.43 -21.53 -5.19
CA GLN B 174 -6.22 -20.91 -4.12
C GLN B 174 -7.66 -21.43 -4.15
N ALA B 175 -8.26 -21.53 -5.34
CA ALA B 175 -9.64 -22.11 -5.44
C ALA B 175 -9.67 -23.57 -4.93
N LEU B 176 -8.66 -24.38 -5.28
CA LEU B 176 -8.61 -25.74 -4.80
C LEU B 176 -8.41 -25.81 -3.27
N ALA B 177 -7.60 -24.88 -2.72
CA ALA B 177 -7.39 -24.88 -1.27
C ALA B 177 -8.74 -24.64 -0.56
N VAL B 178 -9.54 -23.69 -1.08
CA VAL B 178 -10.85 -23.43 -0.47
C VAL B 178 -11.78 -24.65 -0.66
N HIS B 179 -11.78 -25.25 -1.87
CA HIS B 179 -12.53 -26.45 -2.17
C HIS B 179 -12.26 -27.58 -1.18
N PHE B 180 -10.96 -27.92 -0.96
CA PHE B 180 -10.65 -29.00 -0.09
C PHE B 180 -10.90 -28.66 1.39
N ALA B 181 -10.84 -27.39 1.78
CA ALA B 181 -11.17 -26.97 3.13
C ALA B 181 -12.67 -27.14 3.39
N LEU B 182 -13.49 -27.03 2.36
CA LEU B 182 -14.94 -27.11 2.51
C LEU B 182 -15.42 -28.52 2.84
N GLN B 183 -14.61 -29.55 2.54
CA GLN B 183 -14.99 -31.00 2.60
C GLN B 183 -14.97 -31.58 4.01
N GLY B 184 -15.09 -30.75 5.04
CA GLY B 184 -15.02 -31.26 6.37
C GLY B 184 -13.58 -31.40 6.79
N GLU B 185 -13.40 -31.91 8.00
CA GLU B 185 -12.16 -31.83 8.69
C GLU B 185 -11.13 -32.69 7.94
N LEU B 186 -10.55 -32.21 6.84
CA LEU B 186 -9.37 -32.89 6.31
C LEU B 186 -8.23 -32.76 7.33
N LYS B 187 -7.46 -33.83 7.43
CA LYS B 187 -6.16 -33.88 8.04
C LYS B 187 -5.19 -33.04 7.21
N ARG B 188 -4.25 -32.40 7.90
CA ARG B 188 -3.21 -31.59 7.28
C ARG B 188 -2.51 -32.34 6.13
N ASP B 189 -2.05 -33.58 6.36
CA ASP B 189 -1.26 -34.29 5.35
C ASP B 189 -2.11 -34.64 4.11
N THR B 190 -3.40 -35.00 4.33
CA THR B 190 -4.30 -35.34 3.24
C THR B 190 -4.59 -34.09 2.39
N PHE B 191 -4.83 -32.96 3.05
CA PHE B 191 -5.10 -31.71 2.39
C PHE B 191 -3.93 -31.36 1.45
N LEU B 192 -2.68 -31.43 1.92
CA LEU B 192 -1.57 -31.10 1.06
C LEU B 192 -1.42 -32.11 -0.08
N GLU B 193 -1.60 -33.41 0.23
CA GLU B 193 -1.48 -34.44 -0.80
C GLU B 193 -2.52 -34.18 -1.90
N GLN B 194 -3.73 -33.76 -1.52
CA GLN B 194 -4.76 -33.43 -2.50
C GLN B 194 -4.26 -32.30 -3.39
N LEU B 195 -3.73 -31.21 -2.80
CA LEU B 195 -3.30 -30.05 -3.57
C LEU B 195 -2.12 -30.43 -4.47
N ILE B 196 -1.13 -31.15 -3.93
CA ILE B 196 0.03 -31.53 -4.73
C ILE B 196 -0.39 -32.42 -5.90
N GLY B 197 -1.24 -33.39 -5.62
CA GLY B 197 -1.80 -34.24 -6.66
C GLY B 197 -2.39 -33.44 -7.80
N GLU B 198 -3.26 -32.48 -7.48
CA GLU B 198 -3.92 -31.70 -8.53
C GLU B 198 -2.93 -30.79 -9.26
N MET B 199 -2.00 -30.15 -8.53
CA MET B 199 -1.12 -29.17 -9.16
C MET B 199 -0.03 -29.87 -10.01
N GLU B 200 0.33 -31.10 -9.65
CA GLU B 200 1.25 -31.88 -10.50
C GLU B 200 0.62 -32.09 -11.90
N ARG B 201 -0.69 -32.40 -11.92
CA ARG B 201 -1.37 -32.63 -13.18
C ARG B 201 -1.51 -31.32 -13.96
N ILE B 202 -1.92 -30.25 -13.29
CA ILE B 202 -2.15 -28.96 -13.91
C ILE B 202 -0.85 -28.31 -14.41
N GLU B 203 0.22 -28.33 -13.62
CA GLU B 203 1.48 -27.69 -14.02
C GLU B 203 2.26 -28.57 -14.99
N GLY B 204 2.12 -29.90 -14.86
CA GLY B 204 3.03 -30.86 -15.48
C GLY B 204 2.47 -31.50 -16.73
N GLY B 205 1.18 -31.30 -17.03
CA GLY B 205 0.54 -31.92 -18.22
C GLY B 205 -0.38 -33.08 -17.83
N LYS B 222 10.09 -25.40 -13.46
CA LYS B 222 9.48 -26.72 -13.63
C LYS B 222 8.67 -27.05 -12.37
N LEU B 223 7.34 -26.93 -12.51
CA LEU B 223 6.36 -27.13 -11.44
C LEU B 223 6.66 -26.19 -10.25
N PRO B 224 6.64 -24.86 -10.46
CA PRO B 224 6.89 -23.91 -9.38
C PRO B 224 5.90 -24.06 -8.20
N PHE B 225 4.59 -24.20 -8.44
CA PHE B 225 3.67 -24.28 -7.30
C PHE B 225 3.82 -25.62 -6.55
N CYS B 226 3.96 -26.74 -7.24
CA CYS B 226 4.25 -28.00 -6.55
C CYS B 226 5.52 -27.88 -5.68
N SER B 227 6.54 -27.18 -6.15
CA SER B 227 7.80 -27.06 -5.42
CA SER B 227 7.79 -27.09 -5.40
C SER B 227 7.54 -26.37 -4.07
N ARG B 228 6.76 -25.31 -4.11
CA ARG B 228 6.44 -24.57 -2.90
C ARG B 228 5.58 -25.43 -1.98
N LEU B 229 4.60 -26.16 -2.53
CA LEU B 229 3.76 -27.05 -1.69
C LEU B 229 4.62 -28.14 -1.01
N LYS B 230 5.65 -28.65 -1.70
CA LYS B 230 6.57 -29.61 -1.08
C LYS B 230 7.37 -28.93 0.05
N LYS B 231 7.81 -27.69 -0.13
CA LYS B 231 8.51 -26.95 0.94
CA LYS B 231 8.50 -26.96 0.93
C LYS B 231 7.59 -26.81 2.16
N ILE B 232 6.28 -26.54 1.90
CA ILE B 232 5.28 -26.41 2.96
C ILE B 232 5.22 -27.70 3.77
N LYS B 233 5.17 -28.83 3.08
CA LYS B 233 5.16 -30.13 3.74
C LYS B 233 6.39 -30.25 4.65
N GLU B 234 7.57 -29.85 4.16
CA GLU B 234 8.82 -29.91 4.96
C GLU B 234 8.71 -29.01 6.20
N PHE B 235 8.23 -27.76 6.00
CA PHE B 235 8.09 -26.81 7.09
C PHE B 235 7.15 -27.38 8.17
N LEU B 236 6.01 -27.93 7.75
CA LEU B 236 5.02 -28.45 8.72
C LEU B 236 5.60 -29.62 9.52
N ALA B 237 6.57 -30.35 8.96
CA ALA B 237 7.28 -31.46 9.68
C ALA B 237 8.36 -30.93 10.65
N SER B 238 8.67 -29.64 10.61
CA SER B 238 9.61 -28.99 11.54
C SER B 238 8.83 -28.32 12.67
N SER B 239 9.57 -27.83 13.67
CA SER B 239 8.99 -27.00 14.74
C SER B 239 9.66 -25.62 14.81
N ASN B 240 8.89 -24.63 15.27
CA ASN B 240 9.39 -23.28 15.54
C ASN B 240 10.14 -22.75 14.29
N VAL B 241 9.50 -22.82 13.13
CA VAL B 241 10.09 -22.28 11.91
C VAL B 241 10.04 -20.75 12.02
N PRO B 242 11.18 -20.04 11.92
CA PRO B 242 11.16 -18.57 11.97
C PRO B 242 10.43 -17.92 10.78
N LYS B 243 9.75 -16.79 11.04
CA LYS B 243 9.15 -15.96 10.01
C LYS B 243 10.10 -15.79 8.81
N ALA B 244 11.39 -15.54 9.09
CA ALA B 244 12.35 -15.21 8.03
C ALA B 244 12.48 -16.35 7.01
N ASP B 245 12.40 -17.60 7.48
CA ASP B 245 12.51 -18.78 6.63
C ASP B 245 11.25 -18.91 5.76
N ILE B 246 10.09 -18.63 6.34
CA ILE B 246 8.82 -18.65 5.58
C ILE B 246 8.89 -17.57 4.50
N VAL B 247 9.27 -16.35 4.87
CA VAL B 247 9.34 -15.26 3.90
C VAL B 247 10.36 -15.63 2.83
N ASP B 248 11.54 -16.15 3.24
CA ASP B 248 12.64 -16.40 2.31
C ASP B 248 12.28 -17.49 1.30
N GLU B 249 11.60 -18.56 1.76
CA GLU B 249 11.42 -19.76 0.93
C GLU B 249 10.02 -19.77 0.28
N LEU B 250 9.00 -19.23 0.95
CA LEU B 250 7.67 -19.22 0.35
C LEU B 250 7.35 -17.83 -0.24
N GLY B 251 7.75 -16.75 0.44
CA GLY B 251 7.48 -15.40 -0.07
C GLY B 251 6.41 -14.69 0.74
N HIS B 252 6.33 -13.37 0.55
CA HIS B 252 5.21 -12.62 1.03
C HIS B 252 4.86 -11.51 0.05
N GLY B 253 4.90 -11.82 -1.24
CA GLY B 253 4.95 -10.80 -2.30
C GLY B 253 3.62 -10.67 -3.05
N ILE B 254 3.61 -9.74 -4.00
CA ILE B 254 2.45 -9.51 -4.86
CA ILE B 254 2.48 -9.48 -4.90
C ILE B 254 2.34 -10.61 -5.93
N ALA B 255 3.44 -11.31 -6.24
CA ALA B 255 3.37 -12.45 -7.18
C ALA B 255 2.54 -13.60 -6.57
N ALA B 256 1.72 -14.24 -7.38
CA ALA B 256 0.97 -15.40 -6.91
C ALA B 256 1.89 -16.48 -6.34
N LEU B 257 3.02 -16.72 -6.99
CA LEU B 257 3.94 -17.76 -6.57
C LEU B 257 4.47 -17.47 -5.15
N GLU B 258 4.55 -16.18 -4.80
CA GLU B 258 5.12 -15.72 -3.53
C GLU B 258 4.03 -15.36 -2.49
N SER B 259 2.75 -15.71 -2.75
CA SER B 259 1.70 -15.40 -1.81
C SER B 259 0.70 -16.54 -1.65
N VAL B 260 0.31 -17.24 -2.71
CA VAL B 260 -0.72 -18.25 -2.58
C VAL B 260 -0.22 -19.39 -1.70
N PRO B 261 0.96 -20.00 -1.96
CA PRO B 261 1.45 -21.04 -1.05
C PRO B 261 1.64 -20.52 0.38
N THR B 262 2.02 -19.26 0.55
CA THR B 262 2.21 -18.70 1.88
C THR B 262 0.87 -18.66 2.63
N ALA B 263 -0.20 -18.28 1.93
CA ALA B 263 -1.52 -18.27 2.55
C ALA B 263 -1.93 -19.68 2.99
N ILE B 264 -1.67 -20.68 2.12
CA ILE B 264 -2.00 -22.05 2.44
C ILE B 264 -1.18 -22.50 3.67
N TYR B 265 0.09 -22.14 3.70
CA TYR B 265 0.93 -22.47 4.83
C TYR B 265 0.34 -21.86 6.12
N SER B 266 -0.01 -20.58 6.07
CA SER B 266 -0.58 -19.87 7.22
CA SER B 266 -0.60 -19.85 7.21
C SER B 266 -1.80 -20.63 7.76
N PHE B 267 -2.73 -21.01 6.86
CA PHE B 267 -3.87 -21.83 7.27
C PHE B 267 -3.44 -23.16 7.94
N LEU B 268 -2.56 -23.93 7.30
CA LEU B 268 -2.18 -25.23 7.84
C LEU B 268 -1.44 -25.10 9.19
N HIS B 269 -0.50 -24.15 9.26
CA HIS B 269 0.24 -23.86 10.49
C HIS B 269 -0.72 -23.54 11.65
N CYS B 270 -1.76 -22.77 11.38
CA CYS B 270 -2.60 -22.26 12.43
C CYS B 270 -3.73 -23.23 12.85
N MET B 271 -3.74 -24.43 12.25
CA MET B 271 -4.57 -25.53 12.75
C MET B 271 -4.11 -25.95 14.15
N GLU B 272 -2.84 -25.64 14.50
CA GLU B 272 -2.28 -25.89 15.82
CA GLU B 272 -2.28 -25.89 15.82
C GLU B 272 -1.86 -24.55 16.44
N SER B 273 -1.71 -24.56 17.77
CA SER B 273 -1.19 -23.44 18.54
CA SER B 273 -1.19 -23.44 18.54
C SER B 273 0.10 -22.90 17.93
N ASP B 274 0.23 -21.57 17.91
CA ASP B 274 1.46 -20.90 17.63
C ASP B 274 1.95 -20.31 18.94
N PRO B 275 3.21 -20.58 19.33
CA PRO B 275 3.68 -20.16 20.65
C PRO B 275 3.64 -18.64 20.87
N ASP B 276 3.68 -17.85 19.79
CA ASP B 276 3.74 -16.39 19.91
C ASP B 276 2.32 -15.77 19.96
N ILE B 277 1.31 -16.52 19.59
CA ILE B 277 -0.08 -16.00 19.54
C ILE B 277 -0.91 -16.56 20.69
N PRO B 278 -1.44 -15.70 21.59
CA PRO B 278 -2.20 -16.20 22.73
C PRO B 278 -3.32 -17.15 22.28
N ASP B 279 -3.52 -18.16 23.10
CA ASP B 279 -4.46 -19.20 22.76
C ASP B 279 -5.89 -18.74 23.09
N LEU B 280 -6.09 -17.49 23.57
CA LEU B 280 -7.42 -16.87 23.64
C LEU B 280 -8.02 -16.65 22.24
N TYR B 281 -7.17 -16.53 21.21
CA TYR B 281 -7.63 -16.40 19.83
C TYR B 281 -8.00 -17.79 19.28
N ASN B 282 -9.10 -17.85 18.52
CA ASN B 282 -9.50 -19.10 17.92
C ASN B 282 -8.62 -19.32 16.66
N ASN B 283 -8.82 -20.47 15.99
CA ASN B 283 -7.94 -20.82 14.84
C ASN B 283 -8.01 -19.81 13.70
N LEU B 284 -9.22 -19.35 13.34
CA LEU B 284 -9.36 -18.41 12.26
CA LEU B 284 -9.38 -18.40 12.25
C LEU B 284 -8.69 -17.07 12.62
N GLN B 285 -8.91 -16.60 13.85
CA GLN B 285 -8.25 -15.37 14.33
C GLN B 285 -6.72 -15.52 14.29
N ARG B 286 -6.23 -16.64 14.80
CA ARG B 286 -4.81 -17.01 14.75
C ARG B 286 -4.29 -16.96 13.31
N THR B 287 -5.09 -17.47 12.33
CA THR B 287 -4.69 -17.53 10.93
C THR B 287 -4.48 -16.12 10.38
N ILE B 288 -5.43 -15.23 10.64
CA ILE B 288 -5.36 -13.87 10.18
C ILE B 288 -4.18 -13.14 10.83
N ILE B 289 -4.04 -13.28 12.15
CA ILE B 289 -2.97 -12.58 12.88
C ILE B 289 -1.63 -13.07 12.32
N TYR B 290 -1.50 -14.39 12.18
CA TYR B 290 -0.22 -14.96 11.72
C TYR B 290 0.10 -14.47 10.29
N SER B 291 -0.89 -14.54 9.38
CA SER B 291 -0.75 -14.08 7.99
C SER B 291 -0.21 -12.65 7.97
N ILE B 292 -0.88 -11.75 8.72
CA ILE B 292 -0.49 -10.35 8.71
C ILE B 292 0.93 -10.20 9.26
N SER B 293 1.27 -10.98 10.29
CA SER B 293 2.58 -10.90 10.95
C SER B 293 3.70 -11.23 9.95
N LEU B 294 3.40 -11.89 8.84
CA LEU B 294 4.43 -12.26 7.85
C LEU B 294 4.88 -11.05 7.03
N GLY B 295 4.09 -9.99 7.03
CA GLY B 295 4.43 -8.79 6.33
C GLY B 295 4.22 -8.95 4.82
N GLY B 296 4.74 -7.97 4.08
CA GLY B 296 4.57 -7.94 2.63
C GLY B 296 3.15 -7.63 2.24
N ASP B 297 2.60 -8.48 1.38
CA ASP B 297 1.29 -8.29 0.82
C ASP B 297 0.28 -8.86 1.82
N THR B 298 0.08 -8.15 2.93
CA THR B 298 -0.64 -8.64 4.06
C THR B 298 -2.16 -8.72 3.82
N ASP B 299 -2.75 -7.77 3.08
CA ASP B 299 -4.18 -7.87 2.86
C ASP B 299 -4.49 -9.08 1.99
N THR B 300 -3.66 -9.39 0.99
CA THR B 300 -3.99 -10.47 0.05
C THR B 300 -3.64 -11.84 0.66
N ILE B 301 -2.50 -11.93 1.33
CA ILE B 301 -2.17 -13.18 2.00
C ILE B 301 -3.24 -13.47 3.06
N ALA B 302 -3.63 -12.46 3.84
CA ALA B 302 -4.61 -12.70 4.89
C ALA B 302 -6.01 -12.96 4.29
N THR B 303 -6.36 -12.31 3.19
CA THR B 303 -7.70 -12.55 2.57
C THR B 303 -7.79 -13.97 2.02
N MET B 304 -6.69 -14.51 1.50
CA MET B 304 -6.67 -15.85 0.98
C MET B 304 -6.65 -16.87 2.13
N ALA B 305 -5.75 -16.69 3.12
CA ALA B 305 -5.72 -17.60 4.28
C ALA B 305 -7.05 -17.57 5.04
N GLY B 306 -7.65 -16.38 5.15
CA GLY B 306 -8.91 -16.22 5.80
C GLY B 306 -10.07 -16.88 5.08
N ALA B 307 -10.06 -16.88 3.73
CA ALA B 307 -11.08 -17.60 2.99
C ALA B 307 -11.00 -19.11 3.25
N ILE B 308 -9.76 -19.66 3.26
CA ILE B 308 -9.56 -21.06 3.49
C ILE B 308 -9.98 -21.41 4.93
N ALA B 309 -9.51 -20.64 5.91
CA ALA B 309 -9.87 -20.90 7.30
C ALA B 309 -11.38 -20.81 7.52
N GLY B 310 -12.00 -19.82 6.90
CA GLY B 310 -13.39 -19.62 7.09
C GLY B 310 -14.23 -20.77 6.53
N ALA B 311 -13.82 -21.28 5.37
CA ALA B 311 -14.44 -22.45 4.78
C ALA B 311 -14.31 -23.66 5.72
N TYR B 312 -13.14 -23.76 6.37
CA TYR B 312 -12.82 -24.89 7.19
C TYR B 312 -13.55 -24.86 8.54
N TYR B 313 -13.41 -23.77 9.29
CA TYR B 313 -13.90 -23.64 10.66
C TYR B 313 -15.35 -23.14 10.68
N GLY B 314 -15.72 -22.38 9.64
CA GLY B 314 -17.06 -21.83 9.52
C GLY B 314 -17.24 -20.55 10.31
N MET B 315 -18.46 -20.04 10.26
CA MET B 315 -18.84 -18.81 10.89
C MET B 315 -18.77 -18.82 12.43
N ASP B 316 -18.79 -19.99 13.07
CA ASP B 316 -18.61 -20.05 14.52
C ASP B 316 -17.30 -19.36 14.97
N GLN B 317 -16.28 -19.32 14.12
CA GLN B 317 -15.03 -18.68 14.50
C GLN B 317 -14.90 -17.24 13.97
N VAL B 318 -15.95 -16.69 13.34
CA VAL B 318 -15.98 -15.32 12.89
C VAL B 318 -16.63 -14.49 13.98
N THR B 319 -15.84 -13.84 14.84
CA THR B 319 -16.41 -13.32 16.08
C THR B 319 -17.11 -12.00 15.82
N PRO B 320 -18.20 -11.75 16.56
CA PRO B 320 -18.93 -10.50 16.46
C PRO B 320 -18.01 -9.26 16.56
N SER B 321 -17.05 -9.22 17.49
CA SER B 321 -16.29 -7.97 17.67
C SER B 321 -15.34 -7.74 16.48
N TRP B 322 -14.87 -8.82 15.85
CA TRP B 322 -14.04 -8.66 14.68
C TRP B 322 -14.89 -8.24 13.47
N LYS B 323 -15.95 -9.00 13.19
CA LYS B 323 -16.67 -8.82 11.91
C LYS B 323 -17.34 -7.45 11.87
N ARG B 324 -17.80 -6.94 13.00
CA ARG B 324 -18.53 -5.64 13.01
C ARG B 324 -17.59 -4.49 12.58
N SER B 325 -16.29 -4.74 12.60
CA SER B 325 -15.29 -3.71 12.26
CA SER B 325 -15.26 -3.73 12.25
C SER B 325 -15.23 -3.47 10.75
N CYS B 326 -15.80 -4.40 9.95
CA CYS B 326 -15.55 -4.45 8.53
C CYS B 326 -16.65 -3.79 7.73
N GLU B 327 -16.23 -2.92 6.80
CA GLU B 327 -17.13 -2.42 5.77
C GLU B 327 -17.82 -3.61 5.06
N ALA B 328 -19.12 -3.47 4.82
CA ALA B 328 -19.90 -4.42 4.02
C ALA B 328 -20.03 -5.82 4.64
N ILE B 329 -19.88 -5.96 5.96
CA ILE B 329 -20.11 -7.24 6.62
C ILE B 329 -21.55 -7.72 6.35
N VAL B 330 -22.52 -6.81 6.42
CA VAL B 330 -23.94 -7.22 6.24
C VAL B 330 -24.17 -7.77 4.81
N GLU B 331 -23.66 -7.06 3.81
CA GLU B 331 -23.79 -7.45 2.43
C GLU B 331 -23.07 -8.77 2.19
N THR B 332 -21.91 -8.92 2.85
CA THR B 332 -21.11 -10.10 2.68
C THR B 332 -21.88 -11.32 3.22
N GLU B 333 -22.45 -11.21 4.41
CA GLU B 333 -23.20 -12.30 5.01
C GLU B 333 -24.42 -12.64 4.14
N GLU B 334 -25.08 -11.62 3.59
CA GLU B 334 -26.19 -11.87 2.68
C GLU B 334 -25.73 -12.65 1.42
N SER B 335 -24.64 -12.21 0.79
CA SER B 335 -24.15 -12.80 -0.47
CA SER B 335 -24.10 -12.80 -0.45
C SER B 335 -23.90 -14.31 -0.29
N ALA B 336 -23.51 -14.70 0.91
CA ALA B 336 -23.20 -16.12 1.19
C ALA B 336 -24.44 -16.99 0.99
N VAL B 337 -25.65 -16.47 1.25
CA VAL B 337 -26.83 -17.30 1.11
C VAL B 337 -27.07 -17.58 -0.37
N LYS B 338 -26.84 -16.57 -1.23
CA LYS B 338 -27.08 -16.76 -2.66
C LYS B 338 -25.98 -17.68 -3.24
N LEU B 339 -24.75 -17.56 -2.76
CA LEU B 339 -23.71 -18.53 -3.23
C LEU B 339 -24.05 -19.96 -2.80
N TYR B 340 -24.54 -20.10 -1.56
CA TYR B 340 -24.93 -21.39 -1.04
C TYR B 340 -26.01 -22.02 -1.91
N GLU B 341 -27.01 -21.23 -2.36
CA GLU B 341 -28.01 -21.69 -3.25
C GLU B 341 -27.38 -22.22 -4.56
N LEU B 342 -26.40 -21.50 -5.09
CA LEU B 342 -25.72 -21.93 -6.33
C LEU B 342 -25.04 -23.30 -6.11
N TYR B 343 -24.37 -23.45 -4.98
CA TYR B 343 -23.72 -24.68 -4.59
C TYR B 343 -24.73 -25.81 -4.49
N CYS B 344 -25.84 -25.59 -3.77
CA CYS B 344 -26.82 -26.62 -3.55
C CYS B 344 -27.48 -27.00 -4.87
N LYS B 345 -27.70 -26.03 -5.75
CA LYS B 345 -28.33 -26.31 -7.06
C LYS B 345 -27.45 -27.29 -7.85
N GLN B 346 -26.14 -27.07 -7.81
CA GLN B 346 -25.12 -27.80 -8.58
C GLN B 346 -25.04 -29.26 -8.11
N LEU B 347 -25.51 -29.58 -6.89
CA LEU B 347 -25.45 -30.95 -6.38
C LEU B 347 -26.44 -31.84 -7.14
#